data_1M77
# 
_entry.id   1M77 
# 
_audit_conform.dict_name       mmcif_pdbx.dic 
_audit_conform.dict_version    5.389 
_audit_conform.dict_location   http://mmcif.pdb.org/dictionaries/ascii/mmcif_pdbx.dic 
# 
loop_
_database_2.database_id 
_database_2.database_code 
_database_2.pdbx_database_accession 
_database_2.pdbx_DOI 
PDB   1M77         pdb_00001m77 10.2210/pdb1m77/pdb 
NDB   AD0026       ?            ?                   
RCSB  RCSB016681   ?            ?                   
WWPDB D_1000016681 ?            ?                   
# 
loop_
_pdbx_audit_revision_history.ordinal 
_pdbx_audit_revision_history.data_content_type 
_pdbx_audit_revision_history.major_revision 
_pdbx_audit_revision_history.minor_revision 
_pdbx_audit_revision_history.revision_date 
1 'Structure model' 1 0 2003-01-07 
2 'Structure model' 1 1 2008-04-28 
3 'Structure model' 1 2 2011-07-13 
4 'Structure model' 1 3 2017-10-11 
5 'Structure model' 1 4 2024-02-14 
6 'Structure model' 1 5 2024-04-03 
# 
_pdbx_audit_revision_details.ordinal             1 
_pdbx_audit_revision_details.revision_ordinal    1 
_pdbx_audit_revision_details.data_content_type   'Structure model' 
_pdbx_audit_revision_details.provider            repository 
_pdbx_audit_revision_details.type                'Initial release' 
_pdbx_audit_revision_details.description         ? 
_pdbx_audit_revision_details.details             ? 
# 
loop_
_pdbx_audit_revision_group.ordinal 
_pdbx_audit_revision_group.revision_ordinal 
_pdbx_audit_revision_group.data_content_type 
_pdbx_audit_revision_group.group 
1 2 'Structure model' 'Version format compliance' 
2 3 'Structure model' 'Version format compliance' 
3 4 'Structure model' 'Refinement description'    
4 5 'Structure model' 'Data collection'           
5 5 'Structure model' 'Database references'       
6 5 'Structure model' 'Derived calculations'      
7 6 'Structure model' 'Refinement description'    
# 
loop_
_pdbx_audit_revision_category.ordinal 
_pdbx_audit_revision_category.revision_ordinal 
_pdbx_audit_revision_category.data_content_type 
_pdbx_audit_revision_category.category 
1 4 'Structure model' software                      
2 5 'Structure model' chem_comp_atom                
3 5 'Structure model' chem_comp_bond                
4 5 'Structure model' database_2                    
5 5 'Structure model' struct_site                   
6 6 'Structure model' pdbx_initial_refinement_model 
# 
loop_
_pdbx_audit_revision_item.ordinal 
_pdbx_audit_revision_item.revision_ordinal 
_pdbx_audit_revision_item.data_content_type 
_pdbx_audit_revision_item.item 
1 5 'Structure model' '_database_2.pdbx_DOI'                
2 5 'Structure model' '_database_2.pdbx_database_accession' 
3 5 'Structure model' '_struct_site.pdbx_auth_asym_id'      
4 5 'Structure model' '_struct_site.pdbx_auth_comp_id'      
5 5 'Structure model' '_struct_site.pdbx_auth_seq_id'       
# 
_pdbx_database_status.status_code                     REL 
_pdbx_database_status.entry_id                        1M77 
_pdbx_database_status.recvd_initial_deposition_date   2002-07-18 
_pdbx_database_status.deposit_site                    RCSB 
_pdbx_database_status.process_site                    RCSB 
_pdbx_database_status.status_code_sf                  REL 
_pdbx_database_status.SG_entry                        . 
_pdbx_database_status.pdb_format_compatible           Y 
_pdbx_database_status.status_code_mr                  ? 
_pdbx_database_status.status_code_cs                  ? 
_pdbx_database_status.methods_development_category    ? 
_pdbx_database_status.status_code_nmr_data            ? 
# 
loop_
_audit_author.name 
_audit_author.pdbx_ordinal 
'Ramakrishnan, B.'  1 
'Sekharudu, C.'     2 
'Pan, B.C.'         3 
'Sundaralingam, M.' 4 
# 
_citation.id                        primary 
_citation.title                     
'Near-atomic resolution crystal structure of an A-DNA decamer d(CCCGATCGGG): cobalt hexammine interaction with A-DNA.' 
_citation.journal_abbrev            'Acta Crystallogr.,Sect.D' 
_citation.journal_volume            59 
_citation.page_first                67 
_citation.page_last                 72 
_citation.year                      2003 
_citation.journal_id_ASTM           ABCRE6 
_citation.country                   DK 
_citation.journal_id_ISSN           0907-4449 
_citation.journal_id_CSD            0766 
_citation.book_publisher            ? 
_citation.pdbx_database_id_PubMed   12499541 
_citation.pdbx_database_id_DOI      10.1107/S0907444902018917 
# 
loop_
_citation_author.citation_id 
_citation_author.name 
_citation_author.ordinal 
_citation_author.identifier_ORCID 
primary 'Ramakrishnan, B.'  1 ? 
primary 'Sekharudu, C.'     2 ? 
primary 'Pan, B.'           3 ? 
primary 'Sundaralingam, M.' 4 ? 
# 
loop_
_entity.id 
_entity.type 
_entity.src_method 
_entity.pdbx_description 
_entity.formula_weight 
_entity.pdbx_number_of_molecules 
_entity.pdbx_ec 
_entity.pdbx_mutation 
_entity.pdbx_fragment 
_entity.details 
1 polymer     syn "5'-D(*CP*CP*CP*GP*AP*TP*CP*GP*GP*G)-3'" 3045.992 1  ? ? ? ? 
2 non-polymer syn 'COBALT HEXAMMINE(III)'                  161.116  1  ? ? ? ? 
3 water       nat water                                    18.015   34 ? ? ? ? 
# 
_entity_poly.entity_id                      1 
_entity_poly.type                           polydeoxyribonucleotide 
_entity_poly.nstd_linkage                   no 
_entity_poly.nstd_monomer                   no 
_entity_poly.pdbx_seq_one_letter_code       '(DC)(DC)(DC)(DG)(DA)(DT)(DC)(DG)(DG)(DG)' 
_entity_poly.pdbx_seq_one_letter_code_can   CCCGATCGGG 
_entity_poly.pdbx_strand_id                 A 
_entity_poly.pdbx_target_identifier         ? 
# 
loop_
_pdbx_entity_nonpoly.entity_id 
_pdbx_entity_nonpoly.name 
_pdbx_entity_nonpoly.comp_id 
2 'COBALT HEXAMMINE(III)' NCO 
3 water                   HOH 
# 
loop_
_entity_poly_seq.entity_id 
_entity_poly_seq.num 
_entity_poly_seq.mon_id 
_entity_poly_seq.hetero 
1 1  DC n 
1 2  DC n 
1 3  DC n 
1 4  DG n 
1 5  DA n 
1 6  DT n 
1 7  DC n 
1 8  DG n 
1 9  DG n 
1 10 DG n 
# 
loop_
_chem_comp.id 
_chem_comp.type 
_chem_comp.mon_nstd_flag 
_chem_comp.name 
_chem_comp.pdbx_synonyms 
_chem_comp.formula 
_chem_comp.formula_weight 
DA  'DNA linking' y "2'-DEOXYADENOSINE-5'-MONOPHOSPHATE" ? 'C10 H14 N5 O6 P' 331.222 
DC  'DNA linking' y "2'-DEOXYCYTIDINE-5'-MONOPHOSPHATE"  ? 'C9 H14 N3 O7 P'  307.197 
DG  'DNA linking' y "2'-DEOXYGUANOSINE-5'-MONOPHOSPHATE" ? 'C10 H14 N5 O7 P' 347.221 
DT  'DNA linking' y "THYMIDINE-5'-MONOPHOSPHATE"         ? 'C10 H15 N2 O8 P' 322.208 
HOH non-polymer   . WATER                                ? 'H2 O'            18.015  
NCO non-polymer   . 'COBALT HEXAMMINE(III)'              ? 'Co H18 N6 3'     161.116 
# 
loop_
_pdbx_poly_seq_scheme.asym_id 
_pdbx_poly_seq_scheme.entity_id 
_pdbx_poly_seq_scheme.seq_id 
_pdbx_poly_seq_scheme.mon_id 
_pdbx_poly_seq_scheme.ndb_seq_num 
_pdbx_poly_seq_scheme.pdb_seq_num 
_pdbx_poly_seq_scheme.auth_seq_num 
_pdbx_poly_seq_scheme.pdb_mon_id 
_pdbx_poly_seq_scheme.auth_mon_id 
_pdbx_poly_seq_scheme.pdb_strand_id 
_pdbx_poly_seq_scheme.pdb_ins_code 
_pdbx_poly_seq_scheme.hetero 
A 1 1  DC 1  1  1  DC CYT A . n 
A 1 2  DC 2  2  2  DC CYT A . n 
A 1 3  DC 3  3  3  DC CYT A . n 
A 1 4  DG 4  4  4  DG GUA A . n 
A 1 5  DA 5  5  5  DA ADE A . n 
A 1 6  DT 6  6  6  DT THY A . n 
A 1 7  DC 7  7  7  DC CYT A . n 
A 1 8  DG 8  8  8  DG GUA A . n 
A 1 9  DG 9  9  9  DG GUA A . n 
A 1 10 DG 10 10 10 DG GUA A . n 
# 
loop_
_pdbx_nonpoly_scheme.asym_id 
_pdbx_nonpoly_scheme.entity_id 
_pdbx_nonpoly_scheme.mon_id 
_pdbx_nonpoly_scheme.ndb_seq_num 
_pdbx_nonpoly_scheme.pdb_seq_num 
_pdbx_nonpoly_scheme.auth_seq_num 
_pdbx_nonpoly_scheme.pdb_mon_id 
_pdbx_nonpoly_scheme.auth_mon_id 
_pdbx_nonpoly_scheme.pdb_strand_id 
_pdbx_nonpoly_scheme.pdb_ins_code 
B 2 NCO 1  201 201 NCO COH A . 
C 3 HOH 1  101 101 HOH HOH A . 
C 3 HOH 2  102 102 HOH HOH A . 
C 3 HOH 3  103 103 HOH HOH A . 
C 3 HOH 4  104 104 HOH HOH A . 
C 3 HOH 5  105 105 HOH HOH A . 
C 3 HOH 6  106 106 HOH HOH A . 
C 3 HOH 7  107 107 HOH HOH A . 
C 3 HOH 8  108 108 HOH HOH A . 
C 3 HOH 9  109 109 HOH HOH A . 
C 3 HOH 10 110 110 HOH HOH A . 
C 3 HOH 11 111 111 HOH HOH A . 
C 3 HOH 12 112 112 HOH HOH A . 
C 3 HOH 13 113 113 HOH HOH A . 
C 3 HOH 14 114 114 HOH HOH A . 
C 3 HOH 15 115 115 HOH HOH A . 
C 3 HOH 16 116 116 HOH HOH A . 
C 3 HOH 17 117 117 HOH HOH A . 
C 3 HOH 18 118 118 HOH HOH A . 
C 3 HOH 19 119 119 HOH HOH A . 
C 3 HOH 20 120 120 HOH HOH A . 
C 3 HOH 21 121 121 HOH HOH A . 
C 3 HOH 22 122 122 HOH HOH A . 
C 3 HOH 23 123 123 HOH HOH A . 
C 3 HOH 24 124 124 HOH HOH A . 
C 3 HOH 25 125 125 HOH HOH A . 
C 3 HOH 26 126 126 HOH HOH A . 
C 3 HOH 27 127 127 HOH HOH A . 
C 3 HOH 28 128 128 HOH HOH A . 
C 3 HOH 29 129 129 HOH HOH A . 
C 3 HOH 30 130 130 HOH HOH A . 
C 3 HOH 31 131 131 HOH HOH A . 
C 3 HOH 32 132 132 HOH HOH A . 
C 3 HOH 33 133 133 HOH HOH A . 
C 3 HOH 34 134 134 HOH HOH A . 
# 
loop_
_software.name 
_software.classification 
_software.version 
_software.citation_id 
_software.pdbx_ordinal 
X-GEN  'data scaling'   2.0 ? 1 
X-GEN  'data reduction' 2.0 ? 2 
X-PLOR refinement       .   ? 3 
# 
_cell.entry_id           1M77 
_cell.length_a           44.3 
_cell.length_b           44.3 
_cell.length_c           24.8 
_cell.angle_alpha        90.0 
_cell.angle_beta         90.0 
_cell.angle_gamma        90.0 
_cell.pdbx_unique_axis   ? 
_cell.Z_PDB              8 
# 
_symmetry.entry_id                         1M77 
_symmetry.space_group_name_H-M             'P 43 21 2' 
_symmetry.pdbx_full_space_group_name_H-M   ? 
_symmetry.Int_Tables_number                96 
_symmetry.cell_setting                     ? 
# 
_exptl.entry_id          1M77 
_exptl.method            'X-RAY DIFFRACTION' 
_exptl.crystals_number   1 
# 
_exptl_crystal.id                    1 
_exptl_crystal.density_meas          ? 
_exptl_crystal.density_percent_sol   35.50 
_exptl_crystal.density_Matthews      1.91 
_exptl_crystal.description           ? 
# 
_exptl_crystal_grow.crystal_id      1 
_exptl_crystal_grow.method          'VAPOR DIFFUSION, HANGING DROP' 
_exptl_crystal_grow.temp            298 
_exptl_crystal_grow.temp_details    ? 
_exptl_crystal_grow.pH              6.0 
_exptl_crystal_grow.pdbx_details    'cobalt hexammine, cacodylate, pH 6.0, VAPOR DIFFUSION, HANGING DROP, temperature 298K' 
_exptl_crystal_grow.pdbx_pH_range   . 
# 
loop_
_exptl_crystal_grow_comp.crystal_id 
_exptl_crystal_grow_comp.id 
_exptl_crystal_grow_comp.sol_id 
_exptl_crystal_grow_comp.name 
_exptl_crystal_grow_comp.conc 
_exptl_crystal_grow_comp.volume 
_exptl_crystal_grow_comp.details 
1 1 1 'cobalt hexammine' ? ? ? 
1 2 1 cacodylate         ? ? ? 
# 
_diffrn.id                     1 
_diffrn.ambient_temp           298 
_diffrn.ambient_temp_details   ? 
_diffrn.crystal_id             1 
# 
_diffrn_detector.diffrn_id              1 
_diffrn_detector.detector               'AREA DETECTOR' 
_diffrn_detector.type                   NICOLET 
_diffrn_detector.pdbx_collection_date   1993-09-22 
_diffrn_detector.details                mirrors 
# 
_diffrn_radiation.diffrn_id                        1 
_diffrn_radiation.wavelength_id                    1 
_diffrn_radiation.pdbx_monochromatic_or_laue_m_l   M 
_diffrn_radiation.monochromator                    graphite 
_diffrn_radiation.pdbx_diffrn_protocol             'SINGLE WAVELENGTH' 
_diffrn_radiation.pdbx_scattering_type             x-ray 
# 
_diffrn_radiation_wavelength.id           1 
_diffrn_radiation_wavelength.wavelength   1.5418 
_diffrn_radiation_wavelength.wt           1.0 
# 
_diffrn_source.diffrn_id                   1 
_diffrn_source.source                      'ROTATING ANODE' 
_diffrn_source.type                        SIEMENS 
_diffrn_source.pdbx_synchrotron_site       ? 
_diffrn_source.pdbx_synchrotron_beamline   ? 
_diffrn_source.pdbx_wavelength             ? 
_diffrn_source.pdbx_wavelength_list        1.5418 
# 
_reflns.entry_id                     1M77 
_reflns.observed_criterion_sigma_F   1.0 
_reflns.observed_criterion_sigma_I   1.0 
_reflns.d_resolution_high            1.25 
_reflns.d_resolution_low             28.0 
_reflns.number_all                   7785 
_reflns.number_obs                   6929 
_reflns.percent_possible_obs         90 
_reflns.pdbx_Rmerge_I_obs            ? 
_reflns.pdbx_Rsym_value              0.055 
_reflns.pdbx_netI_over_sigmaI        ? 
_reflns.B_iso_Wilson_estimate        ? 
_reflns.pdbx_redundancy              7.4 
_reflns.R_free_details               ? 
_reflns.pdbx_diffrn_id               1 
_reflns.pdbx_ordinal                 1 
# 
_reflns_shell.d_res_high             1.25 
_reflns_shell.d_res_low              1.31 
_reflns_shell.percent_possible_all   ? 
_reflns_shell.Rmerge_I_obs           ? 
_reflns_shell.pdbx_Rsym_value        ? 
_reflns_shell.meanI_over_sigI_obs    ? 
_reflns_shell.pdbx_redundancy        ? 
_reflns_shell.percent_possible_obs   ? 
_reflns_shell.number_unique_all      433 
_reflns_shell.pdbx_diffrn_id         ? 
_reflns_shell.pdbx_ordinal           1 
# 
_refine.entry_id                                 1M77 
_refine.ls_d_res_high                            1.25 
_refine.ls_d_res_low                             8.0 
_refine.pdbx_ls_sigma_F                          2 
_refine.pdbx_ls_sigma_I                          ? 
_refine.ls_number_reflns_all                     5969 
_refine.ls_number_reflns_obs                     5316 
_refine.ls_number_reflns_R_free                  653 
_refine.ls_percent_reflns_obs                    ? 
_refine.ls_R_factor_all                          ? 
_refine.ls_R_factor_obs                          ? 
_refine.ls_R_factor_R_work                       0.163 
_refine.ls_R_factor_R_free                       0.185 
_refine.ls_redundancy_reflns_obs                 ? 
_refine.pdbx_data_cutoff_high_absF               ? 
_refine.pdbx_data_cutoff_low_absF                ? 
_refine.ls_number_parameters                     ? 
_refine.ls_number_restraints                     ? 
_refine.ls_percent_reflns_R_free                 ? 
_refine.ls_R_factor_R_free_error                 ? 
_refine.ls_R_factor_R_free_error_details         ? 
_refine.pdbx_method_to_determine_struct          'MOLECULAR REPLACEMENT' 
_refine.pdbx_starting_model                      'fiber A-DNA' 
_refine.pdbx_ls_cross_valid_method               ? 
_refine.pdbx_R_Free_selection_details            random 
_refine.pdbx_stereochem_target_val_spec_case     ? 
_refine.pdbx_stereochemistry_target_values       ? 
_refine.solvent_model_details                    ? 
_refine.solvent_model_param_bsol                 ? 
_refine.solvent_model_param_ksol                 ? 
_refine.occupancy_max                            ? 
_refine.occupancy_min                            ? 
_refine.pdbx_isotropic_thermal_model             isotropic 
_refine.B_iso_mean                               ? 
_refine.aniso_B[1][1]                            ? 
_refine.aniso_B[1][2]                            ? 
_refine.aniso_B[1][3]                            ? 
_refine.aniso_B[2][2]                            ? 
_refine.aniso_B[2][3]                            ? 
_refine.aniso_B[3][3]                            ? 
_refine.details                                  ? 
_refine.correlation_coeff_Fo_to_Fc               ? 
_refine.correlation_coeff_Fo_to_Fc_free          ? 
_refine.pdbx_solvent_vdw_probe_radii             ? 
_refine.pdbx_solvent_ion_probe_radii             ? 
_refine.pdbx_solvent_shrinkage_radii             ? 
_refine.overall_SU_R_Cruickshank_DPI             ? 
_refine.overall_SU_R_free                        ? 
_refine.overall_SU_B                             ? 
_refine.overall_SU_ML                            ? 
_refine.pdbx_overall_ESU_R                       ? 
_refine.pdbx_overall_ESU_R_Free                  ? 
_refine.pdbx_data_cutoff_high_rms_absF           ? 
_refine.pdbx_refine_id                           'X-RAY DIFFRACTION' 
_refine.pdbx_diffrn_id                           1 
_refine.pdbx_TLS_residual_ADP_flag               ? 
_refine.pdbx_overall_phase_error                 ? 
_refine.pdbx_overall_SU_R_free_Cruickshank_DPI   ? 
_refine.pdbx_overall_SU_R_Blow_DPI               ? 
_refine.pdbx_overall_SU_R_free_Blow_DPI          ? 
# 
_refine_hist.pdbx_refine_id                   'X-RAY DIFFRACTION' 
_refine_hist.cycle_id                         LAST 
_refine_hist.pdbx_number_atoms_protein        0 
_refine_hist.pdbx_number_atoms_nucleic_acid   202 
_refine_hist.pdbx_number_atoms_ligand         7 
_refine_hist.number_atoms_solvent             34 
_refine_hist.number_atoms_total               243 
_refine_hist.d_res_high                       1.25 
_refine_hist.d_res_low                        8.0 
# 
_refine_ls_shell.pdbx_total_number_of_bins_used   ? 
_refine_ls_shell.d_res_high                       1.25 
_refine_ls_shell.d_res_low                        1.31 
_refine_ls_shell.number_reflns_R_work             ? 
_refine_ls_shell.R_factor_R_work                  0.197 
_refine_ls_shell.percent_reflns_obs               ? 
_refine_ls_shell.R_factor_R_free                  0.224 
_refine_ls_shell.R_factor_R_free_error            ? 
_refine_ls_shell.percent_reflns_R_free            ? 
_refine_ls_shell.number_reflns_R_free             52 
_refine_ls_shell.redundancy_reflns_obs            ? 
_refine_ls_shell.pdbx_refine_id                   'X-RAY DIFFRACTION' 
_refine_ls_shell.number_reflns_all                ? 
_refine_ls_shell.R_factor_all                     ? 
# 
_struct.entry_id                  1M77 
_struct.title                     
'Near Atomic Resolution Crystal Structure of an A-DNA Decamer d(CCCGATCGGG): Cobalt Hexammine Interactions with A-DNA' 
_struct.pdbx_model_details        ? 
_struct.pdbx_CASP_flag            ? 
_struct.pdbx_model_type_details   ? 
# 
_struct_keywords.entry_id        1M77 
_struct_keywords.pdbx_keywords   DNA 
_struct_keywords.text            'A-DNA, Cobalt hexammine, DNA' 
# 
loop_
_struct_asym.id 
_struct_asym.pdbx_blank_PDB_chainid_flag 
_struct_asym.pdbx_modified 
_struct_asym.entity_id 
_struct_asym.details 
A N N 1 ? 
B N N 2 ? 
C N N 3 ? 
# 
_struct_ref.id                         1 
_struct_ref.entity_id                  1 
_struct_ref.db_name                    PDB 
_struct_ref.db_code                    1M77 
_struct_ref.pdbx_db_accession          1M77 
_struct_ref.pdbx_db_isoform            ? 
_struct_ref.pdbx_seq_one_letter_code   ? 
_struct_ref.pdbx_align_begin           ? 
# 
_struct_ref_seq.align_id                      1 
_struct_ref_seq.ref_id                        1 
_struct_ref_seq.pdbx_PDB_id_code              1M77 
_struct_ref_seq.pdbx_strand_id                A 
_struct_ref_seq.seq_align_beg                 1 
_struct_ref_seq.pdbx_seq_align_beg_ins_code   ? 
_struct_ref_seq.seq_align_end                 10 
_struct_ref_seq.pdbx_seq_align_end_ins_code   ? 
_struct_ref_seq.pdbx_db_accession             1M77 
_struct_ref_seq.db_align_beg                  1 
_struct_ref_seq.pdbx_db_align_beg_ins_code    ? 
_struct_ref_seq.db_align_end                  10 
_struct_ref_seq.pdbx_db_align_end_ins_code    ? 
_struct_ref_seq.pdbx_auth_seq_align_beg       1 
_struct_ref_seq.pdbx_auth_seq_align_end       10 
# 
_pdbx_struct_assembly.id                   1 
_pdbx_struct_assembly.details              author_defined_assembly 
_pdbx_struct_assembly.method_details       ? 
_pdbx_struct_assembly.oligomeric_details   dimeric 
_pdbx_struct_assembly.oligomeric_count     2 
# 
_pdbx_struct_assembly_gen.assembly_id       1 
_pdbx_struct_assembly_gen.oper_expression   1,2 
_pdbx_struct_assembly_gen.asym_id_list      A,B,C 
# 
loop_
_pdbx_struct_oper_list.id 
_pdbx_struct_oper_list.type 
_pdbx_struct_oper_list.name 
_pdbx_struct_oper_list.symmetry_operation 
_pdbx_struct_oper_list.matrix[1][1] 
_pdbx_struct_oper_list.matrix[1][2] 
_pdbx_struct_oper_list.matrix[1][3] 
_pdbx_struct_oper_list.vector[1] 
_pdbx_struct_oper_list.matrix[2][1] 
_pdbx_struct_oper_list.matrix[2][2] 
_pdbx_struct_oper_list.matrix[2][3] 
_pdbx_struct_oper_list.vector[2] 
_pdbx_struct_oper_list.matrix[3][1] 
_pdbx_struct_oper_list.matrix[3][2] 
_pdbx_struct_oper_list.matrix[3][3] 
_pdbx_struct_oper_list.vector[3] 
1 'identity operation'         1_555 x,y,z  1.0000000000  0.0000000000  0.0000000000  0.0000000000  0.0000000000  1.0000000000  0.0000000000 0.0000000000  0.0000000000  0.0000000000 1.0000000000  0.0000000000  
2 'crystal symmetry operation' 7_555 y,x,-z -0.4782419991 -0.6664245836 -0.5719815248 -5.3884642837 -0.6664245836 -0.1487974792 0.7305734628 -0.2478117212 -0.5719815248 0.7305734628 -0.3729605217 -4.6265944175 
# 
_struct_biol.id                    1 
_struct_biol.pdbx_parent_biol_id   ? 
_struct_biol.details               ? 
# 
loop_
_struct_conn.id 
_struct_conn.conn_type_id 
_struct_conn.pdbx_leaving_atom_flag 
_struct_conn.pdbx_PDB_id 
_struct_conn.ptnr1_label_asym_id 
_struct_conn.ptnr1_label_comp_id 
_struct_conn.ptnr1_label_seq_id 
_struct_conn.ptnr1_label_atom_id 
_struct_conn.pdbx_ptnr1_label_alt_id 
_struct_conn.pdbx_ptnr1_PDB_ins_code 
_struct_conn.pdbx_ptnr1_standard_comp_id 
_struct_conn.ptnr1_symmetry 
_struct_conn.ptnr2_label_asym_id 
_struct_conn.ptnr2_label_comp_id 
_struct_conn.ptnr2_label_seq_id 
_struct_conn.ptnr2_label_atom_id 
_struct_conn.pdbx_ptnr2_label_alt_id 
_struct_conn.pdbx_ptnr2_PDB_ins_code 
_struct_conn.ptnr1_auth_asym_id 
_struct_conn.ptnr1_auth_comp_id 
_struct_conn.ptnr1_auth_seq_id 
_struct_conn.ptnr2_auth_asym_id 
_struct_conn.ptnr2_auth_comp_id 
_struct_conn.ptnr2_auth_seq_id 
_struct_conn.ptnr2_symmetry 
_struct_conn.pdbx_ptnr3_label_atom_id 
_struct_conn.pdbx_ptnr3_label_seq_id 
_struct_conn.pdbx_ptnr3_label_comp_id 
_struct_conn.pdbx_ptnr3_label_asym_id 
_struct_conn.pdbx_ptnr3_label_alt_id 
_struct_conn.pdbx_ptnr3_PDB_ins_code 
_struct_conn.details 
_struct_conn.pdbx_dist_value 
_struct_conn.pdbx_value_order 
_struct_conn.pdbx_role 
hydrog1  hydrog ? ? A DC 1  N3 ? ? ? 1_555 A DG 10 N1 ? ? A DC 1  A DG 10 7_555 ? ? ? ? ? ? WATSON-CRICK ? ? ? 
hydrog2  hydrog ? ? A DC 1  N4 ? ? ? 1_555 A DG 10 O6 ? ? A DC 1  A DG 10 7_555 ? ? ? ? ? ? WATSON-CRICK ? ? ? 
hydrog3  hydrog ? ? A DC 1  O2 ? ? ? 1_555 A DG 10 N2 ? ? A DC 1  A DG 10 7_555 ? ? ? ? ? ? WATSON-CRICK ? ? ? 
hydrog4  hydrog ? ? A DC 2  N3 ? ? ? 1_555 A DG 9  N1 ? ? A DC 2  A DG 9  7_555 ? ? ? ? ? ? WATSON-CRICK ? ? ? 
hydrog5  hydrog ? ? A DC 2  N4 ? ? ? 1_555 A DG 9  O6 ? ? A DC 2  A DG 9  7_555 ? ? ? ? ? ? WATSON-CRICK ? ? ? 
hydrog6  hydrog ? ? A DC 2  O2 ? ? ? 1_555 A DG 9  N2 ? ? A DC 2  A DG 9  7_555 ? ? ? ? ? ? WATSON-CRICK ? ? ? 
hydrog7  hydrog ? ? A DC 3  N3 ? ? ? 1_555 A DG 8  N1 ? ? A DC 3  A DG 8  7_555 ? ? ? ? ? ? WATSON-CRICK ? ? ? 
hydrog8  hydrog ? ? A DC 3  N4 ? ? ? 1_555 A DG 8  O6 ? ? A DC 3  A DG 8  7_555 ? ? ? ? ? ? WATSON-CRICK ? ? ? 
hydrog9  hydrog ? ? A DC 3  O2 ? ? ? 1_555 A DG 8  N2 ? ? A DC 3  A DG 8  7_555 ? ? ? ? ? ? WATSON-CRICK ? ? ? 
hydrog10 hydrog ? ? A DG 4  N1 ? ? ? 1_555 A DC 7  N3 ? ? A DG 4  A DC 7  7_555 ? ? ? ? ? ? WATSON-CRICK ? ? ? 
hydrog11 hydrog ? ? A DG 4  N2 ? ? ? 1_555 A DC 7  O2 ? ? A DG 4  A DC 7  7_555 ? ? ? ? ? ? WATSON-CRICK ? ? ? 
hydrog12 hydrog ? ? A DG 4  O6 ? ? ? 1_555 A DC 7  N4 ? ? A DG 4  A DC 7  7_555 ? ? ? ? ? ? WATSON-CRICK ? ? ? 
hydrog13 hydrog ? ? A DA 5  N1 ? ? ? 1_555 A DT 6  N3 ? ? A DA 5  A DT 6  7_555 ? ? ? ? ? ? WATSON-CRICK ? ? ? 
hydrog14 hydrog ? ? A DA 5  N6 ? ? ? 1_555 A DT 6  O4 ? ? A DA 5  A DT 6  7_555 ? ? ? ? ? ? WATSON-CRICK ? ? ? 
hydrog15 hydrog ? ? A DT 6  N3 ? ? ? 1_555 A DA 5  N1 ? ? A DT 6  A DA 5  7_555 ? ? ? ? ? ? WATSON-CRICK ? ? ? 
hydrog16 hydrog ? ? A DT 6  O4 ? ? ? 1_555 A DA 5  N6 ? ? A DT 6  A DA 5  7_555 ? ? ? ? ? ? WATSON-CRICK ? ? ? 
hydrog17 hydrog ? ? A DC 7  N3 ? ? ? 1_555 A DG 4  N1 ? ? A DC 7  A DG 4  7_555 ? ? ? ? ? ? WATSON-CRICK ? ? ? 
hydrog18 hydrog ? ? A DC 7  N4 ? ? ? 1_555 A DG 4  O6 ? ? A DC 7  A DG 4  7_555 ? ? ? ? ? ? WATSON-CRICK ? ? ? 
hydrog19 hydrog ? ? A DC 7  O2 ? ? ? 1_555 A DG 4  N2 ? ? A DC 7  A DG 4  7_555 ? ? ? ? ? ? WATSON-CRICK ? ? ? 
hydrog20 hydrog ? ? A DG 8  N1 ? ? ? 1_555 A DC 3  N3 ? ? A DG 8  A DC 3  7_555 ? ? ? ? ? ? WATSON-CRICK ? ? ? 
hydrog21 hydrog ? ? A DG 8  N2 ? ? ? 1_555 A DC 3  O2 ? ? A DG 8  A DC 3  7_555 ? ? ? ? ? ? WATSON-CRICK ? ? ? 
hydrog22 hydrog ? ? A DG 8  O6 ? ? ? 1_555 A DC 3  N4 ? ? A DG 8  A DC 3  7_555 ? ? ? ? ? ? WATSON-CRICK ? ? ? 
hydrog23 hydrog ? ? A DG 9  N1 ? ? ? 1_555 A DC 2  N3 ? ? A DG 9  A DC 2  7_555 ? ? ? ? ? ? WATSON-CRICK ? ? ? 
hydrog24 hydrog ? ? A DG 9  N2 ? ? ? 1_555 A DC 2  O2 ? ? A DG 9  A DC 2  7_555 ? ? ? ? ? ? WATSON-CRICK ? ? ? 
hydrog25 hydrog ? ? A DG 9  O6 ? ? ? 1_555 A DC 2  N4 ? ? A DG 9  A DC 2  7_555 ? ? ? ? ? ? WATSON-CRICK ? ? ? 
hydrog26 hydrog ? ? A DG 10 N1 ? ? ? 1_555 A DC 1  N3 ? ? A DG 10 A DC 1  7_555 ? ? ? ? ? ? WATSON-CRICK ? ? ? 
hydrog27 hydrog ? ? A DG 10 N2 ? ? ? 1_555 A DC 1  O2 ? ? A DG 10 A DC 1  7_555 ? ? ? ? ? ? WATSON-CRICK ? ? ? 
hydrog28 hydrog ? ? A DG 10 O6 ? ? ? 1_555 A DC 1  N4 ? ? A DG 10 A DC 1  7_555 ? ? ? ? ? ? WATSON-CRICK ? ? ? 
# 
_struct_conn_type.id          hydrog 
_struct_conn_type.criteria    ? 
_struct_conn_type.reference   ? 
# 
_struct_site.id                   AC1 
_struct_site.pdbx_evidence_code   Software 
_struct_site.pdbx_auth_asym_id    A 
_struct_site.pdbx_auth_comp_id    NCO 
_struct_site.pdbx_auth_seq_id     201 
_struct_site.pdbx_auth_ins_code   ? 
_struct_site.pdbx_num_residues    12 
_struct_site.details              'BINDING SITE FOR RESIDUE NCO A 201' 
# 
loop_
_struct_site_gen.id 
_struct_site_gen.site_id 
_struct_site_gen.pdbx_num_res 
_struct_site_gen.label_comp_id 
_struct_site_gen.label_asym_id 
_struct_site_gen.label_seq_id 
_struct_site_gen.pdbx_auth_ins_code 
_struct_site_gen.auth_comp_id 
_struct_site_gen.auth_asym_id 
_struct_site_gen.auth_seq_id 
_struct_site_gen.label_atom_id 
_struct_site_gen.label_alt_id 
_struct_site_gen.symmetry 
_struct_site_gen.details 
1  AC1 12 DC  A 3  ? DC  A 3   . ? 5_545 ? 
2  AC1 12 DG  A 4  ? DG  A 4   . ? 5_545 ? 
3  AC1 12 DA  A 5  ? DA  A 5   . ? 7_556 ? 
4  AC1 12 DG  A 9  ? DG  A 9   . ? 4_555 ? 
5  AC1 12 DG  A 9  ? DG  A 9   . ? 1_555 ? 
6  AC1 12 DG  A 10 ? DG  A 10  . ? 4_555 ? 
7  AC1 12 HOH C .  ? HOH A 101 . ? 1_555 ? 
8  AC1 12 HOH C .  ? HOH A 102 . ? 1_555 ? 
9  AC1 12 HOH C .  ? HOH A 103 . ? 1_555 ? 
10 AC1 12 HOH C .  ? HOH A 104 . ? 7_556 ? 
11 AC1 12 HOH C .  ? HOH A 111 . ? 5_545 ? 
12 AC1 12 HOH C .  ? HOH A 123 . ? 7_556 ? 
# 
loop_
_pdbx_validate_rmsd_angle.id 
_pdbx_validate_rmsd_angle.PDB_model_num 
_pdbx_validate_rmsd_angle.auth_atom_id_1 
_pdbx_validate_rmsd_angle.auth_asym_id_1 
_pdbx_validate_rmsd_angle.auth_comp_id_1 
_pdbx_validate_rmsd_angle.auth_seq_id_1 
_pdbx_validate_rmsd_angle.PDB_ins_code_1 
_pdbx_validate_rmsd_angle.label_alt_id_1 
_pdbx_validate_rmsd_angle.auth_atom_id_2 
_pdbx_validate_rmsd_angle.auth_asym_id_2 
_pdbx_validate_rmsd_angle.auth_comp_id_2 
_pdbx_validate_rmsd_angle.auth_seq_id_2 
_pdbx_validate_rmsd_angle.PDB_ins_code_2 
_pdbx_validate_rmsd_angle.label_alt_id_2 
_pdbx_validate_rmsd_angle.auth_atom_id_3 
_pdbx_validate_rmsd_angle.auth_asym_id_3 
_pdbx_validate_rmsd_angle.auth_comp_id_3 
_pdbx_validate_rmsd_angle.auth_seq_id_3 
_pdbx_validate_rmsd_angle.PDB_ins_code_3 
_pdbx_validate_rmsd_angle.label_alt_id_3 
_pdbx_validate_rmsd_angle.angle_value 
_pdbx_validate_rmsd_angle.angle_target_value 
_pdbx_validate_rmsd_angle.angle_deviation 
_pdbx_validate_rmsd_angle.angle_standard_deviation 
_pdbx_validate_rmsd_angle.linker_flag 
1  1 "O4'" A DC 1 ? ? "C1'" A DC 1 ? ? N1  A DC 1 ? ? 111.05 108.30 2.75  0.30 N 
2  1 "O4'" A DC 2 ? ? "C1'" A DC 2 ? ? N1  A DC 2 ? ? 110.56 108.30 2.26  0.30 N 
3  1 "O4'" A DC 3 ? ? "C1'" A DC 3 ? ? N1  A DC 3 ? ? 112.89 108.30 4.59  0.30 N 
4  1 "O4'" A DA 5 ? ? "C1'" A DA 5 ? ? N9  A DA 5 ? ? 110.39 108.30 2.09  0.30 N 
5  1 "O3'" A DA 5 ? ? P     A DT 6 ? ? OP2 A DT 6 ? ? 117.63 110.50 7.13  1.10 Y 
6  1 C6    A DT 6 ? ? C5    A DT 6 ? ? C7  A DT 6 ? ? 119.14 122.90 -3.76 0.60 N 
7  1 "O3'" A DT 6 ? ? P     A DC 7 ? ? OP2 A DC 7 ? ? 120.04 110.50 9.54  1.10 Y 
8  1 "O4'" A DC 7 ? ? "C1'" A DC 7 ? ? N1  A DC 7 ? ? 112.51 108.30 4.21  0.30 N 
9  1 "O4'" A DG 8 ? ? "C1'" A DG 8 ? ? N9  A DG 8 ? ? 112.43 108.30 4.13  0.30 N 
10 1 "O4'" A DG 9 ? ? "C1'" A DG 9 ? ? N9  A DG 9 ? ? 110.30 108.30 2.00  0.30 N 
# 
loop_
_pdbx_validate_planes.id 
_pdbx_validate_planes.PDB_model_num 
_pdbx_validate_planes.auth_comp_id 
_pdbx_validate_planes.auth_asym_id 
_pdbx_validate_planes.auth_seq_id 
_pdbx_validate_planes.PDB_ins_code 
_pdbx_validate_planes.label_alt_id 
_pdbx_validate_planes.rmsd 
_pdbx_validate_planes.type 
1 1 DC A 1 ? ? 0.076 'SIDE CHAIN' 
2 1 DC A 2 ? ? 0.112 'SIDE CHAIN' 
# 
loop_
_chem_comp_atom.comp_id 
_chem_comp_atom.atom_id 
_chem_comp_atom.type_symbol 
_chem_comp_atom.pdbx_aromatic_flag 
_chem_comp_atom.pdbx_stereo_config 
_chem_comp_atom.pdbx_ordinal 
DA  OP3    O  N N 1   
DA  P      P  N N 2   
DA  OP1    O  N N 3   
DA  OP2    O  N N 4   
DA  "O5'"  O  N N 5   
DA  "C5'"  C  N N 6   
DA  "C4'"  C  N R 7   
DA  "O4'"  O  N N 8   
DA  "C3'"  C  N S 9   
DA  "O3'"  O  N N 10  
DA  "C2'"  C  N N 11  
DA  "C1'"  C  N R 12  
DA  N9     N  Y N 13  
DA  C8     C  Y N 14  
DA  N7     N  Y N 15  
DA  C5     C  Y N 16  
DA  C6     C  Y N 17  
DA  N6     N  N N 18  
DA  N1     N  Y N 19  
DA  C2     C  Y N 20  
DA  N3     N  Y N 21  
DA  C4     C  Y N 22  
DA  HOP3   H  N N 23  
DA  HOP2   H  N N 24  
DA  "H5'"  H  N N 25  
DA  "H5''" H  N N 26  
DA  "H4'"  H  N N 27  
DA  "H3'"  H  N N 28  
DA  "HO3'" H  N N 29  
DA  "H2'"  H  N N 30  
DA  "H2''" H  N N 31  
DA  "H1'"  H  N N 32  
DA  H8     H  N N 33  
DA  H61    H  N N 34  
DA  H62    H  N N 35  
DA  H2     H  N N 36  
DC  OP3    O  N N 37  
DC  P      P  N N 38  
DC  OP1    O  N N 39  
DC  OP2    O  N N 40  
DC  "O5'"  O  N N 41  
DC  "C5'"  C  N N 42  
DC  "C4'"  C  N R 43  
DC  "O4'"  O  N N 44  
DC  "C3'"  C  N S 45  
DC  "O3'"  O  N N 46  
DC  "C2'"  C  N N 47  
DC  "C1'"  C  N R 48  
DC  N1     N  N N 49  
DC  C2     C  N N 50  
DC  O2     O  N N 51  
DC  N3     N  N N 52  
DC  C4     C  N N 53  
DC  N4     N  N N 54  
DC  C5     C  N N 55  
DC  C6     C  N N 56  
DC  HOP3   H  N N 57  
DC  HOP2   H  N N 58  
DC  "H5'"  H  N N 59  
DC  "H5''" H  N N 60  
DC  "H4'"  H  N N 61  
DC  "H3'"  H  N N 62  
DC  "HO3'" H  N N 63  
DC  "H2'"  H  N N 64  
DC  "H2''" H  N N 65  
DC  "H1'"  H  N N 66  
DC  H41    H  N N 67  
DC  H42    H  N N 68  
DC  H5     H  N N 69  
DC  H6     H  N N 70  
DG  OP3    O  N N 71  
DG  P      P  N N 72  
DG  OP1    O  N N 73  
DG  OP2    O  N N 74  
DG  "O5'"  O  N N 75  
DG  "C5'"  C  N N 76  
DG  "C4'"  C  N R 77  
DG  "O4'"  O  N N 78  
DG  "C3'"  C  N S 79  
DG  "O3'"  O  N N 80  
DG  "C2'"  C  N N 81  
DG  "C1'"  C  N R 82  
DG  N9     N  Y N 83  
DG  C8     C  Y N 84  
DG  N7     N  Y N 85  
DG  C5     C  Y N 86  
DG  C6     C  N N 87  
DG  O6     O  N N 88  
DG  N1     N  N N 89  
DG  C2     C  N N 90  
DG  N2     N  N N 91  
DG  N3     N  N N 92  
DG  C4     C  Y N 93  
DG  HOP3   H  N N 94  
DG  HOP2   H  N N 95  
DG  "H5'"  H  N N 96  
DG  "H5''" H  N N 97  
DG  "H4'"  H  N N 98  
DG  "H3'"  H  N N 99  
DG  "HO3'" H  N N 100 
DG  "H2'"  H  N N 101 
DG  "H2''" H  N N 102 
DG  "H1'"  H  N N 103 
DG  H8     H  N N 104 
DG  H1     H  N N 105 
DG  H21    H  N N 106 
DG  H22    H  N N 107 
DT  OP3    O  N N 108 
DT  P      P  N N 109 
DT  OP1    O  N N 110 
DT  OP2    O  N N 111 
DT  "O5'"  O  N N 112 
DT  "C5'"  C  N N 113 
DT  "C4'"  C  N R 114 
DT  "O4'"  O  N N 115 
DT  "C3'"  C  N S 116 
DT  "O3'"  O  N N 117 
DT  "C2'"  C  N N 118 
DT  "C1'"  C  N R 119 
DT  N1     N  N N 120 
DT  C2     C  N N 121 
DT  O2     O  N N 122 
DT  N3     N  N N 123 
DT  C4     C  N N 124 
DT  O4     O  N N 125 
DT  C5     C  N N 126 
DT  C7     C  N N 127 
DT  C6     C  N N 128 
DT  HOP3   H  N N 129 
DT  HOP2   H  N N 130 
DT  "H5'"  H  N N 131 
DT  "H5''" H  N N 132 
DT  "H4'"  H  N N 133 
DT  "H3'"  H  N N 134 
DT  "HO3'" H  N N 135 
DT  "H2'"  H  N N 136 
DT  "H2''" H  N N 137 
DT  "H1'"  H  N N 138 
DT  H3     H  N N 139 
DT  H71    H  N N 140 
DT  H72    H  N N 141 
DT  H73    H  N N 142 
DT  H6     H  N N 143 
HOH O      O  N N 144 
HOH H1     H  N N 145 
HOH H2     H  N N 146 
NCO CO     CO N N 147 
NCO N1     N  N N 148 
NCO N2     N  N N 149 
NCO N3     N  N N 150 
NCO N4     N  N N 151 
NCO N5     N  N N 152 
NCO N6     N  N N 153 
NCO HN11   H  N N 154 
NCO HN12   H  N N 155 
NCO HN13   H  N N 156 
NCO HN21   H  N N 157 
NCO HN22   H  N N 158 
NCO HN23   H  N N 159 
NCO HN31   H  N N 160 
NCO HN32   H  N N 161 
NCO HN33   H  N N 162 
NCO HN41   H  N N 163 
NCO HN42   H  N N 164 
NCO HN43   H  N N 165 
NCO HN51   H  N N 166 
NCO HN52   H  N N 167 
NCO HN53   H  N N 168 
NCO HN61   H  N N 169 
NCO HN62   H  N N 170 
NCO HN63   H  N N 171 
# 
loop_
_chem_comp_bond.comp_id 
_chem_comp_bond.atom_id_1 
_chem_comp_bond.atom_id_2 
_chem_comp_bond.value_order 
_chem_comp_bond.pdbx_aromatic_flag 
_chem_comp_bond.pdbx_stereo_config 
_chem_comp_bond.pdbx_ordinal 
DA  OP3   P      sing N N 1   
DA  OP3   HOP3   sing N N 2   
DA  P     OP1    doub N N 3   
DA  P     OP2    sing N N 4   
DA  P     "O5'"  sing N N 5   
DA  OP2   HOP2   sing N N 6   
DA  "O5'" "C5'"  sing N N 7   
DA  "C5'" "C4'"  sing N N 8   
DA  "C5'" "H5'"  sing N N 9   
DA  "C5'" "H5''" sing N N 10  
DA  "C4'" "O4'"  sing N N 11  
DA  "C4'" "C3'"  sing N N 12  
DA  "C4'" "H4'"  sing N N 13  
DA  "O4'" "C1'"  sing N N 14  
DA  "C3'" "O3'"  sing N N 15  
DA  "C3'" "C2'"  sing N N 16  
DA  "C3'" "H3'"  sing N N 17  
DA  "O3'" "HO3'" sing N N 18  
DA  "C2'" "C1'"  sing N N 19  
DA  "C2'" "H2'"  sing N N 20  
DA  "C2'" "H2''" sing N N 21  
DA  "C1'" N9     sing N N 22  
DA  "C1'" "H1'"  sing N N 23  
DA  N9    C8     sing Y N 24  
DA  N9    C4     sing Y N 25  
DA  C8    N7     doub Y N 26  
DA  C8    H8     sing N N 27  
DA  N7    C5     sing Y N 28  
DA  C5    C6     sing Y N 29  
DA  C5    C4     doub Y N 30  
DA  C6    N6     sing N N 31  
DA  C6    N1     doub Y N 32  
DA  N6    H61    sing N N 33  
DA  N6    H62    sing N N 34  
DA  N1    C2     sing Y N 35  
DA  C2    N3     doub Y N 36  
DA  C2    H2     sing N N 37  
DA  N3    C4     sing Y N 38  
DC  OP3   P      sing N N 39  
DC  OP3   HOP3   sing N N 40  
DC  P     OP1    doub N N 41  
DC  P     OP2    sing N N 42  
DC  P     "O5'"  sing N N 43  
DC  OP2   HOP2   sing N N 44  
DC  "O5'" "C5'"  sing N N 45  
DC  "C5'" "C4'"  sing N N 46  
DC  "C5'" "H5'"  sing N N 47  
DC  "C5'" "H5''" sing N N 48  
DC  "C4'" "O4'"  sing N N 49  
DC  "C4'" "C3'"  sing N N 50  
DC  "C4'" "H4'"  sing N N 51  
DC  "O4'" "C1'"  sing N N 52  
DC  "C3'" "O3'"  sing N N 53  
DC  "C3'" "C2'"  sing N N 54  
DC  "C3'" "H3'"  sing N N 55  
DC  "O3'" "HO3'" sing N N 56  
DC  "C2'" "C1'"  sing N N 57  
DC  "C2'" "H2'"  sing N N 58  
DC  "C2'" "H2''" sing N N 59  
DC  "C1'" N1     sing N N 60  
DC  "C1'" "H1'"  sing N N 61  
DC  N1    C2     sing N N 62  
DC  N1    C6     sing N N 63  
DC  C2    O2     doub N N 64  
DC  C2    N3     sing N N 65  
DC  N3    C4     doub N N 66  
DC  C4    N4     sing N N 67  
DC  C4    C5     sing N N 68  
DC  N4    H41    sing N N 69  
DC  N4    H42    sing N N 70  
DC  C5    C6     doub N N 71  
DC  C5    H5     sing N N 72  
DC  C6    H6     sing N N 73  
DG  OP3   P      sing N N 74  
DG  OP3   HOP3   sing N N 75  
DG  P     OP1    doub N N 76  
DG  P     OP2    sing N N 77  
DG  P     "O5'"  sing N N 78  
DG  OP2   HOP2   sing N N 79  
DG  "O5'" "C5'"  sing N N 80  
DG  "C5'" "C4'"  sing N N 81  
DG  "C5'" "H5'"  sing N N 82  
DG  "C5'" "H5''" sing N N 83  
DG  "C4'" "O4'"  sing N N 84  
DG  "C4'" "C3'"  sing N N 85  
DG  "C4'" "H4'"  sing N N 86  
DG  "O4'" "C1'"  sing N N 87  
DG  "C3'" "O3'"  sing N N 88  
DG  "C3'" "C2'"  sing N N 89  
DG  "C3'" "H3'"  sing N N 90  
DG  "O3'" "HO3'" sing N N 91  
DG  "C2'" "C1'"  sing N N 92  
DG  "C2'" "H2'"  sing N N 93  
DG  "C2'" "H2''" sing N N 94  
DG  "C1'" N9     sing N N 95  
DG  "C1'" "H1'"  sing N N 96  
DG  N9    C8     sing Y N 97  
DG  N9    C4     sing Y N 98  
DG  C8    N7     doub Y N 99  
DG  C8    H8     sing N N 100 
DG  N7    C5     sing Y N 101 
DG  C5    C6     sing N N 102 
DG  C5    C4     doub Y N 103 
DG  C6    O6     doub N N 104 
DG  C6    N1     sing N N 105 
DG  N1    C2     sing N N 106 
DG  N1    H1     sing N N 107 
DG  C2    N2     sing N N 108 
DG  C2    N3     doub N N 109 
DG  N2    H21    sing N N 110 
DG  N2    H22    sing N N 111 
DG  N3    C4     sing N N 112 
DT  OP3   P      sing N N 113 
DT  OP3   HOP3   sing N N 114 
DT  P     OP1    doub N N 115 
DT  P     OP2    sing N N 116 
DT  P     "O5'"  sing N N 117 
DT  OP2   HOP2   sing N N 118 
DT  "O5'" "C5'"  sing N N 119 
DT  "C5'" "C4'"  sing N N 120 
DT  "C5'" "H5'"  sing N N 121 
DT  "C5'" "H5''" sing N N 122 
DT  "C4'" "O4'"  sing N N 123 
DT  "C4'" "C3'"  sing N N 124 
DT  "C4'" "H4'"  sing N N 125 
DT  "O4'" "C1'"  sing N N 126 
DT  "C3'" "O3'"  sing N N 127 
DT  "C3'" "C2'"  sing N N 128 
DT  "C3'" "H3'"  sing N N 129 
DT  "O3'" "HO3'" sing N N 130 
DT  "C2'" "C1'"  sing N N 131 
DT  "C2'" "H2'"  sing N N 132 
DT  "C2'" "H2''" sing N N 133 
DT  "C1'" N1     sing N N 134 
DT  "C1'" "H1'"  sing N N 135 
DT  N1    C2     sing N N 136 
DT  N1    C6     sing N N 137 
DT  C2    O2     doub N N 138 
DT  C2    N3     sing N N 139 
DT  N3    C4     sing N N 140 
DT  N3    H3     sing N N 141 
DT  C4    O4     doub N N 142 
DT  C4    C5     sing N N 143 
DT  C5    C7     sing N N 144 
DT  C5    C6     doub N N 145 
DT  C7    H71    sing N N 146 
DT  C7    H72    sing N N 147 
DT  C7    H73    sing N N 148 
DT  C6    H6     sing N N 149 
HOH O     H1     sing N N 150 
HOH O     H2     sing N N 151 
NCO CO    N1     sing N N 152 
NCO CO    N2     sing N N 153 
NCO CO    N3     sing N N 154 
NCO CO    N4     sing N N 155 
NCO CO    N5     sing N N 156 
NCO CO    N6     sing N N 157 
NCO N1    HN11   sing N N 158 
NCO N1    HN12   sing N N 159 
NCO N1    HN13   sing N N 160 
NCO N2    HN21   sing N N 161 
NCO N2    HN22   sing N N 162 
NCO N2    HN23   sing N N 163 
NCO N3    HN31   sing N N 164 
NCO N3    HN32   sing N N 165 
NCO N3    HN33   sing N N 166 
NCO N4    HN41   sing N N 167 
NCO N4    HN42   sing N N 168 
NCO N4    HN43   sing N N 169 
NCO N5    HN51   sing N N 170 
NCO N5    HN52   sing N N 171 
NCO N5    HN53   sing N N 172 
NCO N6    HN61   sing N N 173 
NCO N6    HN62   sing N N 174 
NCO N6    HN63   sing N N 175 
# 
_ndb_struct_conf_na.entry_id   1M77 
_ndb_struct_conf_na.feature    'a-form double helix' 
# 
loop_
_ndb_struct_na_base_pair.model_number 
_ndb_struct_na_base_pair.i_label_asym_id 
_ndb_struct_na_base_pair.i_label_comp_id 
_ndb_struct_na_base_pair.i_label_seq_id 
_ndb_struct_na_base_pair.i_symmetry 
_ndb_struct_na_base_pair.j_label_asym_id 
_ndb_struct_na_base_pair.j_label_comp_id 
_ndb_struct_na_base_pair.j_label_seq_id 
_ndb_struct_na_base_pair.j_symmetry 
_ndb_struct_na_base_pair.shear 
_ndb_struct_na_base_pair.stretch 
_ndb_struct_na_base_pair.stagger 
_ndb_struct_na_base_pair.buckle 
_ndb_struct_na_base_pair.propeller 
_ndb_struct_na_base_pair.opening 
_ndb_struct_na_base_pair.pair_number 
_ndb_struct_na_base_pair.pair_name 
_ndb_struct_na_base_pair.i_auth_asym_id 
_ndb_struct_na_base_pair.i_auth_seq_id 
_ndb_struct_na_base_pair.i_PDB_ins_code 
_ndb_struct_na_base_pair.j_auth_asym_id 
_ndb_struct_na_base_pair.j_auth_seq_id 
_ndb_struct_na_base_pair.j_PDB_ins_code 
_ndb_struct_na_base_pair.hbond_type_28 
_ndb_struct_na_base_pair.hbond_type_12 
1 A DC 1  1_555 A DG 10 7_555 0.086  -0.093 0.092  1.441   -9.247  0.027  1  A_DC1:DG10_A A 1  ? A 10 ? 19 1 
1 A DC 2  1_555 A DG 9  7_555 0.182  -0.230 -0.032 7.020   -17.995 -2.022 2  A_DC2:DG9_A  A 2  ? A 9  ? 19 1 
1 A DC 3  1_555 A DG 8  7_555 0.258  -0.173 0.135  -0.469  -17.396 1.890  3  A_DC3:DG8_A  A 3  ? A 8  ? 19 1 
1 A DG 4  1_555 A DC 7  7_555 -0.174 -0.119 -0.354 -17.409 -11.261 -0.368 4  A_DG4:DC7_A  A 4  ? A 7  ? 19 1 
1 A DA 5  1_555 A DT 6  7_555 0.099  -0.151 0.063  -7.473  -8.842  0.517  5  A_DA5:DT6_A  A 5  ? A 6  ? 20 1 
1 A DT 6  1_555 A DA 5  7_555 -0.099 -0.151 0.063  7.473   -8.842  0.517  6  A_DT6:DA5_A  A 6  ? A 5  ? 20 1 
1 A DC 7  1_555 A DG 4  7_555 0.174  -0.119 -0.354 17.409  -11.261 -0.368 7  A_DC7:DG4_A  A 7  ? A 4  ? 19 1 
1 A DG 8  1_555 A DC 3  7_555 -0.258 -0.173 0.135  0.469   -17.396 1.890  8  A_DG8:DC3_A  A 8  ? A 3  ? 19 1 
1 A DG 9  1_555 A DC 2  7_555 -0.182 -0.230 -0.032 -7.019  -17.995 -2.022 9  A_DG9:DC2_A  A 9  ? A 2  ? 19 1 
1 A DG 10 1_555 A DC 1  7_555 -0.086 -0.093 0.092  -1.441  -9.247  0.027  10 A_DG10:DC1_A A 10 ? A 1  ? 19 1 
# 
loop_
_ndb_struct_na_base_pair_step.model_number 
_ndb_struct_na_base_pair_step.i_label_asym_id_1 
_ndb_struct_na_base_pair_step.i_label_comp_id_1 
_ndb_struct_na_base_pair_step.i_label_seq_id_1 
_ndb_struct_na_base_pair_step.i_symmetry_1 
_ndb_struct_na_base_pair_step.j_label_asym_id_1 
_ndb_struct_na_base_pair_step.j_label_comp_id_1 
_ndb_struct_na_base_pair_step.j_label_seq_id_1 
_ndb_struct_na_base_pair_step.j_symmetry_1 
_ndb_struct_na_base_pair_step.i_label_asym_id_2 
_ndb_struct_na_base_pair_step.i_label_comp_id_2 
_ndb_struct_na_base_pair_step.i_label_seq_id_2 
_ndb_struct_na_base_pair_step.i_symmetry_2 
_ndb_struct_na_base_pair_step.j_label_asym_id_2 
_ndb_struct_na_base_pair_step.j_label_comp_id_2 
_ndb_struct_na_base_pair_step.j_label_seq_id_2 
_ndb_struct_na_base_pair_step.j_symmetry_2 
_ndb_struct_na_base_pair_step.shift 
_ndb_struct_na_base_pair_step.slide 
_ndb_struct_na_base_pair_step.rise 
_ndb_struct_na_base_pair_step.tilt 
_ndb_struct_na_base_pair_step.roll 
_ndb_struct_na_base_pair_step.twist 
_ndb_struct_na_base_pair_step.x_displacement 
_ndb_struct_na_base_pair_step.y_displacement 
_ndb_struct_na_base_pair_step.helical_rise 
_ndb_struct_na_base_pair_step.inclination 
_ndb_struct_na_base_pair_step.tip 
_ndb_struct_na_base_pair_step.helical_twist 
_ndb_struct_na_base_pair_step.step_number 
_ndb_struct_na_base_pair_step.step_name 
_ndb_struct_na_base_pair_step.i_auth_asym_id_1 
_ndb_struct_na_base_pair_step.i_auth_seq_id_1 
_ndb_struct_na_base_pair_step.i_PDB_ins_code_1 
_ndb_struct_na_base_pair_step.j_auth_asym_id_1 
_ndb_struct_na_base_pair_step.j_auth_seq_id_1 
_ndb_struct_na_base_pair_step.j_PDB_ins_code_1 
_ndb_struct_na_base_pair_step.i_auth_asym_id_2 
_ndb_struct_na_base_pair_step.i_auth_seq_id_2 
_ndb_struct_na_base_pair_step.i_PDB_ins_code_2 
_ndb_struct_na_base_pair_step.j_auth_asym_id_2 
_ndb_struct_na_base_pair_step.j_auth_seq_id_2 
_ndb_struct_na_base_pair_step.j_PDB_ins_code_2 
1 A DC 1 1_555 A DG 10 7_555 A DC 2  1_555 A DG 9 7_555 -0.349 -1.153 3.166 -1.912 3.058  37.457 -2.167 0.303  3.079 4.749  2.969  
37.624 1 AA_DC1DC2:DG9DG10_AA A 1 ? A 10 ? A 2  ? A 9 ? 
1 A DC 2 1_555 A DG 9  7_555 A DC 3  1_555 A DG 8 7_555 0.486  -1.494 3.543 -1.981 4.722  31.700 -3.589 -1.251 3.257 8.574  3.596  
32.100 2 AA_DC2DC3:DG8DG9_AA  A 2 ? A 9  ? A 3  ? A 8 ? 
1 A DC 3 1_555 A DG 8  7_555 A DG 4  1_555 A DC 7 7_555 -0.889 -1.626 3.639 1.032  18.312 33.039 -4.875 1.510  2.413 29.539 -1.664 
37.664 3 AA_DC3DG4:DC7DG8_AA  A 3 ? A 8  ? A 4  ? A 7 ? 
1 A DG 4 1_555 A DC 7  7_555 A DA 5  1_555 A DT 6 7_555 0.972  -1.665 3.121 -0.480 14.115 24.067 -6.225 -2.114 1.856 30.701 1.045  
27.852 4 AA_DG4DA5:DT6DC7_AA  A 4 ? A 7  ? A 5  ? A 6 ? 
1 A DA 5 1_555 A DT 6  7_555 A DT 6  1_555 A DA 5 7_555 0.000  -1.486 3.175 0.000  4.119  30.101 -3.613 0.000  2.950 7.885  0.000  
30.375 5 AA_DA5DT6:DA5DT6_AA  A 5 ? A 6  ? A 6  ? A 5 ? 
1 A DT 6 1_555 A DA 5  7_555 A DC 7  1_555 A DG 4 7_555 -0.972 -1.665 3.121 0.480  14.115 24.067 -6.225 2.114  1.856 30.701 -1.045 
27.852 6 AA_DT6DC7:DG4DA5_AA  A 6 ? A 5  ? A 7  ? A 4 ? 
1 A DC 7 1_555 A DG 4  7_555 A DG 8  1_555 A DC 3 7_555 0.889  -1.626 3.639 -1.032 18.312 33.039 -4.875 -1.510 2.413 29.539 1.664  
37.664 7 AA_DC7DG8:DC3DG4_AA  A 7 ? A 4  ? A 8  ? A 3 ? 
1 A DG 8 1_555 A DC 3  7_555 A DG 9  1_555 A DC 2 7_555 -0.486 -1.494 3.543 1.981  4.722  31.700 -3.589 1.251  3.257 8.574  -3.596 
32.100 8 AA_DG8DG9:DC2DC3_AA  A 8 ? A 3  ? A 9  ? A 2 ? 
1 A DG 9 1_555 A DC 2  7_555 A DG 10 1_555 A DC 1 7_555 0.349  -1.153 3.166 1.912  3.058  37.457 -2.167 -0.303 3.079 4.749  -2.969 
37.624 9 AA_DG9DG10:DC1DC2_AA A 9 ? A 2  ? A 10 ? A 1 ? 
# 
_pdbx_initial_refinement_model.accession_code   ? 
_pdbx_initial_refinement_model.id               1 
_pdbx_initial_refinement_model.entity_id_list   ? 
_pdbx_initial_refinement_model.type             'experimental model' 
_pdbx_initial_refinement_model.source_name      Other 
_pdbx_initial_refinement_model.details          'fiber A-DNA' 
# 
_atom_sites.entry_id                    1M77 
_atom_sites.fract_transf_matrix[1][1]   0.00637276 
_atom_sites.fract_transf_matrix[1][2]   -0.02152315 
_atom_sites.fract_transf_matrix[1][3]   0.00238378 
_atom_sites.fract_transf_matrix[2][1]   0.00993236 
_atom_sites.fract_transf_matrix[2][2]   0.00069715 
_atom_sites.fract_transf_matrix[2][3]   -0.02025840 
_atom_sites.fract_transf_matrix[3][1]   0.03437373 
_atom_sites.fract_transf_matrix[3][2]   0.01209028 
_atom_sites.fract_transf_matrix[3][3]   0.01726894 
_atom_sites.fract_transf_vector[1]      0.235272 
_atom_sites.fract_transf_vector[2]      0.195238 
_atom_sites.fract_transf_vector[3]      0.134057 
# 
loop_
_atom_type.symbol 
C  
CO 
N  
O  
P  
# 
loop_
_atom_site.group_PDB 
_atom_site.id 
_atom_site.type_symbol 
_atom_site.label_atom_id 
_atom_site.label_alt_id 
_atom_site.label_comp_id 
_atom_site.label_asym_id 
_atom_site.label_entity_id 
_atom_site.label_seq_id 
_atom_site.pdbx_PDB_ins_code 
_atom_site.Cartn_x 
_atom_site.Cartn_y 
_atom_site.Cartn_z 
_atom_site.occupancy 
_atom_site.B_iso_or_equiv 
_atom_site.pdbx_formal_charge 
_atom_site.auth_seq_id 
_atom_site.auth_comp_id 
_atom_site.auth_asym_id 
_atom_site.auth_atom_id 
_atom_site.pdbx_PDB_model_num 
ATOM   1   O  "O5'" . DC  A 1 1  ? -4.830  -7.082  -10.862 1.00 18.19 ? 1   DC  A "O5'" 1 
ATOM   2   C  "C5'" . DC  A 1 1  ? -4.044  -7.927  -11.711 1.00 15.43 ? 1   DC  A "C5'" 1 
ATOM   3   C  "C4'" . DC  A 1 1  ? -3.465  -7.165  -12.884 1.00 14.30 ? 1   DC  A "C4'" 1 
ATOM   4   O  "O4'" . DC  A 1 1  ? -4.522  -6.559  -13.654 1.00 13.64 ? 1   DC  A "O4'" 1 
ATOM   5   C  "C3'" . DC  A 1 1  ? -2.561  -6.022  -12.456 1.00 13.72 ? 1   DC  A "C3'" 1 
ATOM   6   O  "O3'" . DC  A 1 1  ? -1.223  -6.392  -12.124 1.00 13.63 ? 1   DC  A "O3'" 1 
ATOM   7   C  "C2'" . DC  A 1 1  ? -2.653  -5.099  -13.658 1.00 12.65 ? 1   DC  A "C2'" 1 
ATOM   8   C  "C1'" . DC  A 1 1  ? -4.090  -5.279  -14.177 1.00 12.58 ? 1   DC  A "C1'" 1 
ATOM   9   N  N1    . DC  A 1 1  ? -4.977  -4.169  -13.688 1.00 11.10 ? 1   DC  A N1    1 
ATOM   10  C  C2    . DC  A 1 1  ? -4.860  -2.914  -14.268 1.00 9.78  ? 1   DC  A C2    1 
ATOM   11  O  O2    . DC  A 1 1  ? -3.888  -2.636  -14.963 1.00 9.98  ? 1   DC  A O2    1 
ATOM   12  N  N3    . DC  A 1 1  ? -5.752  -1.939  -13.904 1.00 9.62  ? 1   DC  A N3    1 
ATOM   13  C  C4    . DC  A 1 1  ? -6.825  -2.215  -13.150 1.00 9.88  ? 1   DC  A C4    1 
ATOM   14  N  N4    . DC  A 1 1  ? -7.699  -1.250  -12.877 1.00 9.40  ? 1   DC  A N4    1 
ATOM   15  C  C5    . DC  A 1 1  ? -6.948  -3.503  -12.520 1.00 10.89 ? 1   DC  A C5    1 
ATOM   16  C  C6    . DC  A 1 1  ? -5.978  -4.412  -12.773 1.00 10.95 ? 1   DC  A C6    1 
ATOM   17  P  P     . DC  A 1 2  ? -0.440  -5.618  -10.951 1.00 13.79 ? 2   DC  A P     1 
ATOM   18  O  OP1   . DC  A 1 2  ? 0.739   -6.448  -10.634 1.00 14.56 ? 2   DC  A OP1   1 
ATOM   19  O  OP2   . DC  A 1 2  ? -1.354  -5.184  -9.870  1.00 14.09 ? 2   DC  A OP2   1 
ATOM   20  O  "O5'" . DC  A 1 2  ? 0.116   -4.264  -11.639 1.00 12.43 ? 2   DC  A "O5'" 1 
ATOM   21  C  "C5'" . DC  A 1 2  ? 1.166   -4.274  -12.610 1.00 10.71 ? 2   DC  A "C5'" 1 
ATOM   22  C  "C4'" . DC  A 1 2  ? 1.213   -2.943  -13.378 1.00 10.25 ? 2   DC  A "C4'" 1 
ATOM   23  O  "O4'" . DC  A 1 2  ? -0.071  -2.614  -13.958 1.00 9.04  ? 2   DC  A "O4'" 1 
ATOM   24  C  "C3'" . DC  A 1 2  ? 1.542   -1.768  -12.480 1.00 9.45  ? 2   DC  A "C3'" 1 
ATOM   25  O  "O3'" . DC  A 1 2  ? 2.928   -1.622  -12.165 1.00 10.03 ? 2   DC  A "O3'" 1 
ATOM   26  C  "C2'" . DC  A 1 2  ? 0.939   -0.615  -13.247 1.00 8.46  ? 2   DC  A "C2'" 1 
ATOM   27  C  "C1'" . DC  A 1 2  ? -0.308  -1.192  -13.881 1.00 8.24  ? 2   DC  A "C1'" 1 
ATOM   28  N  N1    . DC  A 1 2  ? -1.509  -0.903  -13.039 1.00 7.58  ? 2   DC  A N1    1 
ATOM   29  C  C2    . DC  A 1 2  ? -2.097  0.351   -13.129 1.00 7.18  ? 2   DC  A C2    1 
ATOM   30  O  O2    . DC  A 1 2  ? -1.550  1.263   -13.743 1.00 7.01  ? 2   DC  A O2    1 
ATOM   31  N  N3    . DC  A 1 2  ? -3.265  0.567   -12.444 1.00 6.72  ? 2   DC  A N3    1 
ATOM   32  C  C4    . DC  A 1 2  ? -3.829  -0.380  -11.696 1.00 6.69  ? 2   DC  A C4    1 
ATOM   33  N  N4    . DC  A 1 2  ? -5.039  -0.153  -11.173 1.00 7.97  ? 2   DC  A N4    1 
ATOM   34  C  C5    . DC  A 1 2  ? -3.126  -1.591  -11.431 1.00 7.20  ? 2   DC  A C5    1 
ATOM   35  C  C6    . DC  A 1 2  ? -1.978  -1.799  -12.112 1.00 7.60  ? 2   DC  A C6    1 
ATOM   36  P  P     . DC  A 1 3  ? 3.297   -1.081  -10.716 1.00 10.81 ? 3   DC  A P     1 
ATOM   37  O  OP1   . DC  A 1 3  ? 4.760   -1.226  -10.803 1.00 12.37 ? 3   DC  A OP1   1 
ATOM   38  O  OP2   . DC  A 1 3  ? 2.540   -1.748  -9.653  1.00 12.77 ? 3   DC  A OP2   1 
ATOM   39  O  "O5'" . DC  A 1 3  ? 2.955   0.474   -10.678 1.00 9.56  ? 3   DC  A "O5'" 1 
ATOM   40  C  "C5'" . DC  A 1 3  ? 3.629   1.384   -11.543 1.00 8.52  ? 3   DC  A "C5'" 1 
ATOM   41  C  "C4'" . DC  A 1 3  ? 2.872   2.687   -11.682 1.00 7.30  ? 3   DC  A "C4'" 1 
ATOM   42  O  "O4'" . DC  A 1 3  ? 1.534   2.460   -12.134 1.00 7.08  ? 3   DC  A "O4'" 1 
ATOM   43  C  "C3'" . DC  A 1 3  ? 2.747   3.442   -10.363 1.00 7.20  ? 3   DC  A "C3'" 1 
ATOM   44  O  "O3'" . DC  A 1 3  ? 3.940   4.146   -9.988  1.00 7.07  ? 3   DC  A "O3'" 1 
ATOM   45  C  "C2'" . DC  A 1 3  ? 1.521   4.291   -10.631 1.00 6.82  ? 3   DC  A "C2'" 1 
ATOM   46  C  "C1'" . DC  A 1 3  ? 0.650   3.403   -11.517 1.00 6.58  ? 3   DC  A "C1'" 1 
ATOM   47  N  N1    . DC  A 1 3  ? -0.432  2.748   -10.711 1.00 6.74  ? 3   DC  A N1    1 
ATOM   48  C  C2    . DC  A 1 3  ? -1.511  3.531   -10.352 1.00 6.72  ? 3   DC  A C2    1 
ATOM   49  O  O2    . DC  A 1 3  ? -1.567  4.713   -10.674 1.00 7.05  ? 3   DC  A O2    1 
ATOM   50  N  N3    . DC  A 1 3  ? -2.491  2.993   -9.570  1.00 7.57  ? 3   DC  A N3    1 
ATOM   51  C  C4    . DC  A 1 3  ? -2.439  1.713   -9.172  1.00 7.34  ? 3   DC  A C4    1 
ATOM   52  N  N4    . DC  A 1 3  ? -3.430  1.257   -8.394  1.00 8.32  ? 3   DC  A N4    1 
ATOM   53  C  C5    . DC  A 1 3  ? -1.275  0.914   -9.443  1.00 7.57  ? 3   DC  A C5    1 
ATOM   54  C  C6    . DC  A 1 3  ? -0.356  1.437   -10.286 1.00 6.99  ? 3   DC  A C6    1 
ATOM   55  P  P     . DG  A 1 4  ? 4.014   4.775   -8.511  1.00 7.29  ? 4   DG  A P     1 
ATOM   56  O  OP1   . DG  A 1 4  ? 5.410   5.307   -8.520  1.00 7.52  ? 4   DG  A OP1   1 
ATOM   57  O  OP2   . DG  A 1 4  ? 3.600   3.806   -7.474  1.00 7.79  ? 4   DG  A OP2   1 
ATOM   58  O  "O5'" . DG  A 1 4  ? 2.991   5.993   -8.427  1.00 6.42  ? 4   DG  A "O5'" 1 
ATOM   59  C  "C5'" . DG  A 1 4  ? 3.209   7.276   -9.024  1.00 7.03  ? 4   DG  A "C5'" 1 
ATOM   60  C  "C4'" . DG  A 1 4  ? 2.239   8.299   -8.424  1.00 7.47  ? 4   DG  A "C4'" 1 
ATOM   61  O  "O4'" . DG  A 1 4  ? 0.888   7.966   -8.775  1.00 7.14  ? 4   DG  A "O4'" 1 
ATOM   62  C  "C3'" . DG  A 1 4  ? 2.258   8.330   -6.896  1.00 7.89  ? 4   DG  A "C3'" 1 
ATOM   63  O  "O3'" . DG  A 1 4  ? 3.308   9.185   -6.385  1.00 7.70  ? 4   DG  A "O3'" 1 
ATOM   64  C  "C2'" . DG  A 1 4  ? 0.847   8.822   -6.591  1.00 7.12  ? 4   DG  A "C2'" 1 
ATOM   65  C  "C1'" . DG  A 1 4  ? 0.000   8.200   -7.680  1.00 7.68  ? 4   DG  A "C1'" 1 
ATOM   66  N  N9    . DG  A 1 4  ? -0.569  6.909   -7.228  1.00 6.32  ? 4   DG  A N9    1 
ATOM   67  C  C8    . DG  A 1 4  ? -0.115  5.633   -7.431  1.00 7.12  ? 4   DG  A C8    1 
ATOM   68  N  N7    . DG  A 1 4  ? -0.933  4.697   -7.022  1.00 7.07  ? 4   DG  A N7    1 
ATOM   69  C  C5    . DG  A 1 4  ? -2.004  5.412   -6.501  1.00 7.26  ? 4   DG  A C5    1 
ATOM   70  C  C6    . DG  A 1 4  ? -3.155  4.948   -5.801  1.00 7.47  ? 4   DG  A C6    1 
ATOM   71  O  O6    . DG  A 1 4  ? -3.538  3.790   -5.651  1.00 8.30  ? 4   DG  A O6    1 
ATOM   72  N  N1    . DG  A 1 4  ? -3.908  5.973   -5.276  1.00 7.26  ? 4   DG  A N1    1 
ATOM   73  C  C2    . DG  A 1 4  ? -3.653  7.308   -5.463  1.00 7.77  ? 4   DG  A C2    1 
ATOM   74  N  N2    . DG  A 1 4  ? -4.435  8.160   -4.795  1.00 8.90  ? 4   DG  A N2    1 
ATOM   75  N  N3    . DG  A 1 4  ? -2.561  7.765   -6.097  1.00 7.63  ? 4   DG  A N3    1 
ATOM   76  C  C4    . DG  A 1 4  ? -1.757  6.763   -6.548  1.00 7.12  ? 4   DG  A C4    1 
ATOM   77  P  P     . DA  A 1 5  ? 3.987   8.851   -4.971  1.00 8.21  ? 5   DA  A P     1 
ATOM   78  O  OP1   . DA  A 1 5  ? 4.963   9.946   -4.820  1.00 9.48  ? 5   DA  A OP1   1 
ATOM   79  O  OP2   . DA  A 1 5  ? 4.439   7.451   -4.968  1.00 9.11  ? 5   DA  A OP2   1 
ATOM   80  O  "O5'" . DA  A 1 5  ? 2.795   9.058   -3.930  1.00 9.82  ? 5   DA  A "O5'" 1 
ATOM   81  C  "C5'" . DA  A 1 5  ? 2.605   8.227   -2.784  1.00 9.08  ? 5   DA  A "C5'" 1 
ATOM   82  C  "C4'" . DA  A 1 5  ? 1.259   8.534   -2.189  1.00 9.86  ? 5   DA  A "C4'" 1 
ATOM   83  O  "O4'" . DA  A 1 5  ? 0.199   8.102   -3.071  1.00 9.75  ? 5   DA  A "O4'" 1 
ATOM   84  C  "C3'" . DA  A 1 5  ? 1.039   7.824   -0.876  1.00 10.74 ? 5   DA  A "C3'" 1 
ATOM   85  O  "O3'" . DA  A 1 5  ? 1.593   8.572   0.213   1.00 11.15 ? 5   DA  A "O3'" 1 
ATOM   86  C  "C2'" . DA  A 1 5  ? -0.480  7.746   -0.841  1.00 9.94  ? 5   DA  A "C2'" 1 
ATOM   87  C  "C1'" . DA  A 1 5  ? -0.917  7.623   -2.296  1.00 9.62  ? 5   DA  A "C1'" 1 
ATOM   88  N  N9    . DA  A 1 5  ? -1.221  6.217   -2.645  1.00 8.83  ? 5   DA  A N9    1 
ATOM   89  C  C8    . DA  A 1 5  ? -0.403  5.298   -3.256  1.00 8.97  ? 5   DA  A C8    1 
ATOM   90  N  N7    . DA  A 1 5  ? -0.958  4.125   -3.378  1.00 8.89  ? 5   DA  A N7    1 
ATOM   91  C  C5    . DA  A 1 5  ? -2.151  4.228   -2.671  1.00 8.25  ? 5   DA  A C5    1 
ATOM   92  C  C6    . DA  A 1 5  ? -3.202  3.308   -2.442  1.00 8.03  ? 5   DA  A C6    1 
ATOM   93  N  N6    . DA  A 1 5  ? -3.182  2.045   -2.868  1.00 7.80  ? 5   DA  A N6    1 
ATOM   94  N  N1    . DA  A 1 5  ? -4.268  3.752   -1.771  1.00 8.44  ? 5   DA  A N1    1 
ATOM   95  C  C2    . DA  A 1 5  ? -4.304  5.019   -1.399  1.00 9.09  ? 5   DA  A C2    1 
ATOM   96  N  N3    . DA  A 1 5  ? -3.374  5.968   -1.539  1.00 9.39  ? 5   DA  A N3    1 
ATOM   97  C  C4    . DA  A 1 5  ? -2.333  5.504   -2.247  1.00 8.46  ? 5   DA  A C4    1 
ATOM   98  P  P     . DT  A 1 6  ? 2.083   7.721   1.487   1.00 12.59 ? 6   DT  A P     1 
ATOM   99  O  OP1   . DT  A 1 6  ? 2.761   8.873   2.131   1.00 14.70 ? 6   DT  A OP1   1 
ATOM   100 O  OP2   . DT  A 1 6  ? 2.787   6.460   1.232   1.00 12.29 ? 6   DT  A OP2   1 
ATOM   101 O  "O5'" . DT  A 1 6  ? 0.775   7.374   2.313   1.00 12.85 ? 6   DT  A "O5'" 1 
ATOM   102 C  "C5'" . DT  A 1 6  ? 0.037   8.408   2.965   1.00 12.87 ? 6   DT  A "C5'" 1 
ATOM   103 C  "C4'" . DT  A 1 6  ? -1.269  7.851   3.489   1.00 12.91 ? 6   DT  A "C4'" 1 
ATOM   104 O  "O4'" . DT  A 1 6  ? -1.985  7.264   2.400   1.00 11.85 ? 6   DT  A "O4'" 1 
ATOM   105 C  "C3'" . DT  A 1 6  ? -1.052  6.709   4.475   1.00 13.02 ? 6   DT  A "C3'" 1 
ATOM   106 O  "O3'" . DT  A 1 6  ? -0.783  7.149   5.802   1.00 14.50 ? 6   DT  A "O3'" 1 
ATOM   107 C  "C2'" . DT  A 1 6  ? -2.328  5.933   4.330   1.00 12.29 ? 6   DT  A "C2'" 1 
ATOM   108 C  "C1'" . DT  A 1 6  ? -2.713  6.132   2.880   1.00 11.80 ? 6   DT  A "C1'" 1 
ATOM   109 N  N1    . DT  A 1 6  ? -2.382  4.942   2.079   1.00 11.20 ? 6   DT  A N1    1 
ATOM   110 C  C2    . DT  A 1 6  ? -3.340  3.934   2.027   1.00 11.29 ? 6   DT  A C2    1 
ATOM   111 O  O2    . DT  A 1 6  ? -4.431  3.990   2.597   1.00 11.86 ? 6   DT  A O2    1 
ATOM   112 N  N3    . DT  A 1 6  ? -2.971  2.796   1.343   1.00 10.67 ? 6   DT  A N3    1 
ATOM   113 C  C4    . DT  A 1 6  ? -1.787  2.604   0.678   1.00 10.02 ? 6   DT  A C4    1 
ATOM   114 O  O4    . DT  A 1 6  ? -1.639  1.567   0.053   1.00 10.24 ? 6   DT  A O4    1 
ATOM   115 C  C5    . DT  A 1 6  ? -0.814  3.672   0.842   1.00 9.96  ? 6   DT  A C5    1 
ATOM   116 C  C7    . DT  A 1 6  ? 0.546   3.586   0.171   1.00 8.98  ? 6   DT  A C7    1 
ATOM   117 C  C6    . DT  A 1 6  ? -1.136  4.778   1.519   1.00 10.16 ? 6   DT  A C6    1 
ATOM   118 P  P     . DC  A 1 7  ? 0.184   6.237   6.689   1.00 14.66 ? 7   DC  A P     1 
ATOM   119 O  OP1   . DC  A 1 7  ? 0.496   7.172   7.806   1.00 16.28 ? 7   DC  A OP1   1 
ATOM   120 O  OP2   . DC  A 1 7  ? 1.274   5.466   6.046   1.00 15.26 ? 7   DC  A OP2   1 
ATOM   121 O  "O5'" . DC  A 1 7  ? -0.861  5.127   7.242   1.00 14.07 ? 7   DC  A "O5'" 1 
ATOM   122 C  "C5'" . DC  A 1 7  ? -1.884  5.533   8.150   1.00 12.69 ? 7   DC  A "C5'" 1 
ATOM   123 C  "C4'" . DC  A 1 7  ? -2.857  4.412   8.424   1.00 11.62 ? 7   DC  A "C4'" 1 
ATOM   124 O  "O4'" . DC  A 1 7  ? -3.575  4.101   7.223   1.00 11.62 ? 7   DC  A "O4'" 1 
ATOM   125 C  "C3'" . DC  A 1 7  ? -2.170  3.135   8.842   1.00 11.52 ? 7   DC  A "C3'" 1 
ATOM   126 O  "O3'" . DC  A 1 7  ? -1.872  3.160   10.228  1.00 11.58 ? 7   DC  A "O3'" 1 
ATOM   127 C  "C2'" . DC  A 1 7  ? -3.236  2.146   8.477   1.00 10.73 ? 7   DC  A "C2'" 1 
ATOM   128 C  "C1'" . DC  A 1 7  ? -3.833  2.695   7.215   1.00 10.20 ? 7   DC  A "C1'" 1 
ATOM   129 N  N1    . DC  A 1 7  ? -3.251  2.022   6.039   1.00 9.24  ? 7   DC  A N1    1 
ATOM   130 C  C2    . DC  A 1 7  ? -3.920  0.905   5.561   1.00 9.40  ? 7   DC  A C2    1 
ATOM   131 O  O2    . DC  A 1 7  ? -5.060  0.639   5.945   1.00 10.14 ? 7   DC  A O2    1 
ATOM   132 N  N3    . DC  A 1 7  ? -3.390  0.226   4.504   1.00 8.76  ? 7   DC  A N3    1 
ATOM   133 C  C4    . DC  A 1 7  ? -2.250  0.620   3.937   1.00 8.14  ? 7   DC  A C4    1 
ATOM   134 N  N4    . DC  A 1 7  ? -1.745  -0.149  2.993   1.00 7.83  ? 7   DC  A N4    1 
ATOM   135 C  C5    . DC  A 1 7  ? -1.485  1.709   4.479   1.00 8.14  ? 7   DC  A C5    1 
ATOM   136 C  C6    . DC  A 1 7  ? -2.086  2.438   5.443   1.00 9.30  ? 7   DC  A C6    1 
ATOM   137 P  P     . DG  A 1 8  ? -0.703  2.261   10.797  1.00 12.78 ? 8   DG  A P     1 
ATOM   138 O  OP1   . DG  A 1 8  ? -0.639  2.657   12.225  1.00 13.97 ? 8   DG  A OP1   1 
ATOM   139 O  OP2   . DG  A 1 8  ? 0.510   2.337   9.959   1.00 13.32 ? 8   DG  A OP2   1 
ATOM   140 O  "O5'" . DG  A 1 8  ? -1.213  0.720   10.716  1.00 11.01 ? 8   DG  A "O5'" 1 
ATOM   141 C  "C5'" . DG  A 1 8  ? -2.270  0.279   11.541  1.00 9.28  ? 8   DG  A "C5'" 1 
ATOM   142 C  "C4'" . DG  A 1 8  ? -2.750  -1.064  11.090  1.00 8.19  ? 8   DG  A "C4'" 1 
ATOM   143 O  "O4'" . DG  A 1 8  ? -3.241  -0.991  9.755   1.00 7.81  ? 8   DG  A "O4'" 1 
ATOM   144 C  "C3'" . DG  A 1 8  ? -1.645  -2.107  11.081  1.00 7.83  ? 8   DG  A "C3'" 1 
ATOM   145 O  "O3'" . DG  A 1 8  ? -1.449  -2.639  12.380  1.00 8.14  ? 8   DG  A "O3'" 1 
ATOM   146 C  "C2'" . DG  A 1 8  ? -2.206  -3.106  10.089  1.00 7.30  ? 8   DG  A "C2'" 1 
ATOM   147 C  "C1'" . DG  A 1 8  ? -2.908  -2.224  9.086   1.00 7.87  ? 8   DG  A "C1'" 1 
ATOM   148 N  N9    . DG  A 1 8  ? -2.076  -2.008  7.894   1.00 7.04  ? 8   DG  A N9    1 
ATOM   149 C  C8    . DG  A 1 8  ? -1.232  -0.961  7.575   1.00 7.24  ? 8   DG  A C8    1 
ATOM   150 N  N7    . DG  A 1 8  ? -0.582  -1.145  6.449   1.00 7.44  ? 8   DG  A N7    1 
ATOM   151 C  C5    . DG  A 1 8  ? -1.008  -2.404  6.004   1.00 6.97  ? 8   DG  A C5    1 
ATOM   152 C  C6    . DG  A 1 8  ? -0.658  -3.146  4.833   1.00 6.80  ? 8   DG  A C6    1 
ATOM   153 O  O6    . DG  A 1 8  ? 0.127   -2.848  3.940   1.00 7.04  ? 8   DG  A O6    1 
ATOM   154 N  N1    . DG  A 1 8  ? -1.275  -4.395  4.804   1.00 6.30  ? 8   DG  A N1    1 
ATOM   155 C  C2    . DG  A 1 8  ? -2.173  -4.867  5.767   1.00 6.62  ? 8   DG  A C2    1 
ATOM   156 N  N2    . DG  A 1 8  ? -2.698  -6.092  5.610   1.00 6.09  ? 8   DG  A N2    1 
ATOM   157 N  N3    . DG  A 1 8  ? -2.572  -4.114  6.804   1.00 6.75  ? 8   DG  A N3    1 
ATOM   158 C  C4    . DG  A 1 8  ? -1.943  -2.916  6.873   1.00 6.98  ? 8   DG  A C4    1 
ATOM   159 P  P     . DG  A 1 9  ? -0.043  -3.306  12.765  1.00 7.79  ? 9   DG  A P     1 
ATOM   160 O  OP1   . DG  A 1 9  ? -0.128  -3.474  14.227  1.00 9.71  ? 9   DG  A OP1   1 
ATOM   161 O  OP2   . DG  A 1 9  ? 1.065   -2.519  12.163  1.00 9.11  ? 9   DG  A OP2   1 
ATOM   162 O  "O5'" . DG  A 1 9  ? -0.018  -4.757  12.061  1.00 7.90  ? 9   DG  A "O5'" 1 
ATOM   163 C  "C5'" . DG  A 1 9  ? -0.891  -5.780  12.573  1.00 6.45  ? 9   DG  A "C5'" 1 
ATOM   164 C  "C4'" . DG  A 1 9  ? -1.003  -6.901  11.568  1.00 6.17  ? 9   DG  A "C4'" 1 
ATOM   165 O  "O4'" . DG  A 1 9  ? -1.399  -6.425  10.263  1.00 6.32  ? 9   DG  A "O4'" 1 
ATOM   166 C  "C3'" . DG  A 1 9  ? 0.296   -7.663  11.344  1.00 5.59  ? 9   DG  A "C3'" 1 
ATOM   167 O  "O3'" . DG  A 1 9  ? 0.552   -8.622  12.370  1.00 6.11  ? 9   DG  A "O3'" 1 
ATOM   168 C  "C2'" . DG  A 1 9  ? -0.012  -8.285  9.998   1.00 5.89  ? 9   DG  A "C2'" 1 
ATOM   169 C  "C1'" . DG  A 1 9  ? -0.791  -7.216  9.235   1.00 5.78  ? 9   DG  A "C1'" 1 
ATOM   170 N  N9    . DG  A 1 9  ? 0.107   -6.383  8.411   1.00 5.56  ? 9   DG  A N9    1 
ATOM   171 C  C8    . DG  A 1 9  ? 0.693   -5.169  8.696   1.00 6.01  ? 9   DG  A C8    1 
ATOM   172 N  N7    . DG  A 1 9  ? 1.346   -4.654  7.689   1.00 6.19  ? 9   DG  A N7    1 
ATOM   173 C  C5    . DG  A 1 9  ? 1.390   -5.702  6.769   1.00 6.05  ? 9   DG  A C5    1 
ATOM   174 C  C6    . DG  A 1 9  ? 2.047   -5.786  5.523   1.00 5.84  ? 9   DG  A C6    1 
ATOM   175 O  O6    . DG  A 1 9  ? 2.792   -4.955  5.011   1.00 7.27  ? 9   DG  A O6    1 
ATOM   176 N  N1    . DG  A 1 9  ? 1.833   -7.012  4.905   1.00 5.66  ? 9   DG  A N1    1 
ATOM   177 C  C2    . DG  A 1 9  ? 1.041   -8.022  5.405   1.00 5.34  ? 9   DG  A C2    1 
ATOM   178 N  N2    . DG  A 1 9  ? 0.983   -9.174  4.722   1.00 5.94  ? 9   DG  A N2    1 
ATOM   179 N  N3    . DG  A 1 9  ? 0.362   -7.910  6.545   1.00 5.26  ? 9   DG  A N3    1 
ATOM   180 C  C4    . DG  A 1 9  ? 0.583   -6.728  7.171   1.00 5.38  ? 9   DG  A C4    1 
ATOM   181 P  P     . DG  A 1 10 ? 2.041   -9.183  12.635  1.00 6.35  ? 10  DG  A P     1 
ATOM   182 O  OP1   . DG  A 1 10 ? 1.791   -10.024 13.851  1.00 6.53  ? 10  DG  A OP1   1 
ATOM   183 O  OP2   . DG  A 1 10 ? 2.995   -8.041  12.625  1.00 6.82  ? 10  DG  A OP2   1 
ATOM   184 O  "O5'" . DG  A 1 10 ? 2.334   -10.101 11.337  1.00 6.98  ? 10  DG  A "O5'" 1 
ATOM   185 C  "C5'" . DG  A 1 10 ? 1.652   -11.325 11.070  1.00 6.52  ? 10  DG  A "C5'" 1 
ATOM   186 C  "C4'" . DG  A 1 10 ? 2.119   -11.862 9.720   1.00 6.48  ? 10  DG  A "C4'" 1 
ATOM   187 O  "O4'" . DG  A 1 10 ? 1.897   -10.942 8.656   1.00 6.00  ? 10  DG  A "O4'" 1 
ATOM   188 C  "C3'" . DG  A 1 10 ? 3.607   -12.233 9.705   1.00 6.36  ? 10  DG  A "C3'" 1 
ATOM   189 O  "O3'" . DG  A 1 10 ? 3.858   -13.522 10.276  1.00 7.72  ? 10  DG  A "O3'" 1 
ATOM   190 C  "C2'" . DG  A 1 10 ? 3.915   -12.135 8.229   1.00 6.48  ? 10  DG  A "C2'" 1 
ATOM   191 C  "C1'" . DG  A 1 10 ? 2.975   -11.032 7.710   1.00 6.32  ? 10  DG  A "C1'" 1 
ATOM   192 N  N9    . DG  A 1 10 ? 3.655   -9.722  7.635   1.00 5.88  ? 10  DG  A N9    1 
ATOM   193 C  C8    . DG  A 1 10 ? 3.709   -8.728  8.587   1.00 6.06  ? 10  DG  A C8    1 
ATOM   194 N  N7    . DG  A 1 10 ? 4.213   -7.602  8.154   1.00 5.82  ? 10  DG  A N7    1 
ATOM   195 C  C5    . DG  A 1 10 ? 4.558   -7.885  6.840   1.00 5.69  ? 10  DG  A C5    1 
ATOM   196 C  C6    . DG  A 1 10 ? 5.234   -7.077  5.886   1.00 5.56  ? 10  DG  A C6    1 
ATOM   197 O  O6    . DG  A 1 10 ? 5.586   -5.909  6.003   1.00 6.67  ? 10  DG  A O6    1 
ATOM   198 N  N1    . DG  A 1 10 ? 5.431   -7.731  4.688   1.00 5.73  ? 10  DG  A N1    1 
ATOM   199 C  C2    . DG  A 1 10 ? 5.136   -9.068  4.456   1.00 5.04  ? 10  DG  A C2    1 
ATOM   200 N  N2    . DG  A 1 10 ? 5.394   -9.563  3.240   1.00 5.28  ? 10  DG  A N2    1 
ATOM   201 N  N3    . DG  A 1 10 ? 4.496   -9.825  5.339   1.00 5.20  ? 10  DG  A N3    1 
ATOM   202 C  C4    . DG  A 1 10 ? 4.242   -9.183  6.514   1.00 5.35  ? 10  DG  A C4    1 
HETATM 203 CO CO    . NCO B 2 .  ? 4.957   -2.747  11.646  1.00 8.78  ? 201 NCO A CO    1 
HETATM 204 N  N1    . NCO B 2 .  ? 5.045   -1.118  10.418  1.00 8.10  ? 201 NCO A N1    1 
HETATM 205 N  N2    . NCO B 2 .  ? 6.144   -3.778  10.347  1.00 7.20  ? 201 NCO A N2    1 
HETATM 206 N  N3    . NCO B 2 .  ? 3.297   -3.418  10.648  1.00 7.19  ? 201 NCO A N3    1 
HETATM 207 N  N4    . NCO B 2 .  ? 3.723   -1.703  12.952  1.00 7.65  ? 201 NCO A N4    1 
HETATM 208 N  N5    . NCO B 2 .  ? 6.646   -2.093  12.650  1.00 8.19  ? 201 NCO A N5    1 
HETATM 209 N  N6    . NCO B 2 .  ? 4.895   -4.423  12.838  1.00 7.01  ? 201 NCO A N6    1 
HETATM 210 O  O     . HOH C 3 .  ? 4.062   -6.164  10.797  1.00 8.76  ? 101 HOH A O     1 
HETATM 211 O  O     . HOH C 3 .  ? 4.488   -4.118  8.051   1.00 13.29 ? 102 HOH A O     1 
HETATM 212 O  O     . HOH C 3 .  ? 5.835   -1.590  8.002   1.00 33.80 ? 103 HOH A O     1 
HETATM 213 O  O     . HOH C 3 .  ? 7.566   9.507   -4.522  1.00 19.72 ? 104 HOH A O     1 
HETATM 214 O  O     . HOH C 3 .  ? 0.682   1.953   -3.873  1.00 22.12 ? 105 HOH A O     1 
HETATM 215 O  O     . HOH C 3 .  ? 1.535   -15.285 9.978   1.00 9.24  ? 106 HOH A O     1 
HETATM 216 O  O     . HOH C 3 .  ? -1.823  1.698   -5.581  1.00 14.15 ? 107 HOH A O     1 
HETATM 217 O  O     . HOH C 3 .  ? 1.938   -0.554  10.548  1.00 19.79 ? 108 HOH A O     1 
HETATM 218 O  O     . HOH C 3 .  ? 1.578   0.207   5.697   1.00 16.72 ? 109 HOH A O     1 
HETATM 219 O  O     . HOH C 3 .  ? 2.816   -2.325  4.891   1.00 15.63 ? 110 HOH A O     1 
HETATM 220 O  O     . HOH C 3 .  ? 6.620   8.008   -8.138  1.00 26.92 ? 111 HOH A O     1 
HETATM 221 O  O     . HOH C 3 .  ? -1.498  -4.590  16.275  1.00 53.50 ? 112 HOH A O     1 
HETATM 222 O  O     . HOH C 3 .  ? -0.362  -2.522  -8.736  1.00 27.30 ? 113 HOH A O     1 
HETATM 223 O  O     . HOH C 3 .  ? 6.505   6.077   -6.129  1.00 20.56 ? 114 HOH A O     1 
HETATM 224 O  O     . HOH C 3 .  ? 6.564   -0.440  -12.627 1.00 32.95 ? 115 HOH A O     1 
HETATM 225 O  O     . HOH C 3 .  ? -10.297 -1.695  -11.804 1.00 42.08 ? 116 HOH A O     1 
HETATM 226 O  O     . HOH C 3 .  ? 1.286   -0.220  -7.851  1.00 39.84 ? 117 HOH A O     1 
HETATM 227 O  O     . HOH C 3 .  ? 0.817   0.771   2.443   1.00 40.11 ? 118 HOH A O     1 
HETATM 228 O  O     . HOH C 3 .  ? -4.121  8.744   -0.476  1.00 26.89 ? 119 HOH A O     1 
HETATM 229 O  O     . HOH C 3 .  ? 1.121   2.498   7.350   1.00 33.35 ? 120 HOH A O     1 
HETATM 230 O  O     . HOH C 3 .  ? 0.959   2.527   -6.857  1.00 14.68 ? 121 HOH A O     1 
HETATM 231 O  O     . HOH C 3 .  ? 3.971   1.574   8.301   1.00 51.21 ? 122 HOH A O     1 
HETATM 232 O  O     . HOH C 3 .  ? 5.576   10.784  -2.020  1.00 17.33 ? 123 HOH A O     1 
HETATM 233 O  O     . HOH C 3 .  ? 2.755   5.053   -4.648  1.00 22.79 ? 124 HOH A O     1 
HETATM 234 O  O     . HOH C 3 .  ? -6.439  -1.912  -9.206  1.00 38.59 ? 125 HOH A O     1 
HETATM 235 O  O     . HOH C 3 .  ? 2.605   -0.001  -0.122  1.00 78.99 ? 126 HOH A O     1 
HETATM 236 O  O     . HOH C 3 .  ? -7.437  2.098   5.700   1.00 39.71 ? 127 HOH A O     1 
HETATM 237 O  O     . HOH C 3 .  ? 3.672   5.187   -1.465  1.00 48.78 ? 128 HOH A O     1 
HETATM 238 O  O     . HOH C 3 .  ? 4.126   1.481   12.268  1.00 58.41 ? 129 HOH A O     1 
HETATM 239 O  O     . HOH C 3 .  ? -3.074  -1.645  -7.353  1.00 62.76 ? 130 HOH A O     1 
HETATM 240 O  O     . HOH C 3 .  ? 2.334   -2.007  8.036   1.00 15.49 ? 131 HOH A O     1 
HETATM 241 O  O     . HOH C 3 .  ? 3.977   -0.359  6.466   1.00 25.15 ? 132 HOH A O     1 
HETATM 242 O  O     . HOH C 3 .  ? 2.114   4.018   3.539   1.00 42.71 ? 133 HOH A O     1 
HETATM 243 O  O     . HOH C 3 .  ? -5.965  4.594   4.490   1.00 45.86 ? 134 HOH A O     1 
# 
